data_3Q5C
# 
_entry.id   3Q5C 
# 
_audit_conform.dict_name       mmcif_pdbx.dic 
_audit_conform.dict_version    5.380 
_audit_conform.dict_location   http://mmcif.pdb.org/dictionaries/ascii/mmcif_pdbx.dic 
# 
loop_
_database_2.database_id 
_database_2.database_code 
_database_2.pdbx_database_accession 
_database_2.pdbx_DOI 
PDB   3Q5C         pdb_00003q5c 10.2210/pdb3q5c/pdb 
NDB   NA0916       ?            ?                   
RCSB  RCSB063213   ?            ?                   
WWPDB D_1000063213 ?            ?                   
# 
_pdbx_database_status.status_code                     REL 
_pdbx_database_status.entry_id                        3Q5C 
_pdbx_database_status.recvd_initial_deposition_date   2010-12-28 
_pdbx_database_status.deposit_site                    RCSB 
_pdbx_database_status.process_site                    PDBJ 
_pdbx_database_status.status_code_sf                  REL 
_pdbx_database_status.status_code_mr                  ? 
_pdbx_database_status.SG_entry                        ? 
_pdbx_database_status.status_code_cs                  ? 
_pdbx_database_status.pdb_format_compatible           Y 
_pdbx_database_status.status_code_nmr_data            ? 
_pdbx_database_status.methods_development_category    ? 
# 
loop_
_audit_author.name 
_audit_author.pdbx_ordinal 
'Venkadesh, S.' 1 
'Mandal, P.K.'  2 
'Gautham, N.'   3 
# 
_citation.id                        primary 
_citation.title                     'The sequence d(CGGCGGCCGC) self-assembles into a two dimensional rhombic DNA lattice' 
_citation.journal_abbrev            Biochem.Biophys.Res.Commun. 
_citation.journal_volume            407 
_citation.page_first                548 
_citation.page_last                 551 
_citation.year                      2011 
_citation.journal_id_ASTM           BBRCA9 
_citation.country                   US 
_citation.journal_id_ISSN           0006-291X 
_citation.journal_id_CSD            0146 
_citation.book_publisher            ? 
_citation.pdbx_database_id_PubMed   21419105 
_citation.pdbx_database_id_DOI      10.1016/j.bbrc.2011.03.056 
# 
loop_
_citation_author.citation_id 
_citation_author.name 
_citation_author.ordinal 
_citation_author.identifier_ORCID 
primary 'Venkadesh, S.' 1 ? 
primary 'Mandal, P.K.'  2 ? 
primary 'Gautham, N.'   3 ? 
# 
_cell.entry_id           3Q5C 
_cell.length_a           23.640 
_cell.length_b           33.841 
_cell.length_c           40.400 
_cell.angle_alpha        112.77 
_cell.angle_beta         90.00 
_cell.angle_gamma        110.44 
_cell.Z_PDB              4 
_cell.pdbx_unique_axis   ? 
_cell.length_a_esd       ? 
_cell.length_b_esd       ? 
_cell.length_c_esd       ? 
_cell.angle_alpha_esd    ? 
_cell.angle_beta_esd     ? 
_cell.angle_gamma_esd    ? 
# 
_symmetry.entry_id                         3Q5C 
_symmetry.space_group_name_H-M             'P 1' 
_symmetry.pdbx_full_space_group_name_H-M   ? 
_symmetry.cell_setting                     ? 
_symmetry.Int_Tables_number                1 
_symmetry.space_group_name_Hall            ? 
# 
loop_
_entity.id 
_entity.type 
_entity.src_method 
_entity.pdbx_description 
_entity.formula_weight 
_entity.pdbx_number_of_molecules 
_entity.pdbx_ec 
_entity.pdbx_mutation 
_entity.pdbx_fragment 
_entity.details 
1 polymer syn 
;DNA (5'-D(*CP*GP*GP*CP*GP*GP*CP*CP*GP*C)-3')
;
3046.980 4 ? ? ? ? 
2 water   nat water                                          18.015   9 ? ? ? ? 
# 
_entity_poly.entity_id                      1 
_entity_poly.type                           polydeoxyribonucleotide 
_entity_poly.nstd_linkage                   no 
_entity_poly.nstd_monomer                   no 
_entity_poly.pdbx_seq_one_letter_code       '(DC)(DG)(DG)(DC)(DG)(DG)(DC)(DC)(DG)(DC)' 
_entity_poly.pdbx_seq_one_letter_code_can   CGGCGGCCGC 
_entity_poly.pdbx_strand_id                 A,B,C,D 
_entity_poly.pdbx_target_identifier         ? 
# 
loop_
_entity_poly_seq.entity_id 
_entity_poly_seq.num 
_entity_poly_seq.mon_id 
_entity_poly_seq.hetero 
1 1  DC n 
1 2  DG n 
1 3  DG n 
1 4  DC n 
1 5  DG n 
1 6  DG n 
1 7  DC n 
1 8  DC n 
1 9  DG n 
1 10 DC n 
# 
_pdbx_entity_src_syn.entity_id              1 
_pdbx_entity_src_syn.pdbx_src_id            1 
_pdbx_entity_src_syn.pdbx_alt_source_flag   sample 
_pdbx_entity_src_syn.pdbx_beg_seq_num       ? 
_pdbx_entity_src_syn.pdbx_end_seq_num       ? 
_pdbx_entity_src_syn.organism_scientific    ? 
_pdbx_entity_src_syn.organism_common_name   ? 
_pdbx_entity_src_syn.ncbi_taxonomy_id       ? 
_pdbx_entity_src_syn.details                'Chemically synthesized' 
# 
_struct_ref.id                         1 
_struct_ref.db_name                    PDB 
_struct_ref.db_code                    3Q5C 
_struct_ref.pdbx_db_accession          3Q5C 
_struct_ref.entity_id                  1 
_struct_ref.pdbx_align_begin           ? 
_struct_ref.pdbx_seq_one_letter_code   ? 
_struct_ref.pdbx_db_isoform            ? 
# 
loop_
_struct_ref_seq.align_id 
_struct_ref_seq.ref_id 
_struct_ref_seq.pdbx_PDB_id_code 
_struct_ref_seq.pdbx_strand_id 
_struct_ref_seq.seq_align_beg 
_struct_ref_seq.pdbx_seq_align_beg_ins_code 
_struct_ref_seq.seq_align_end 
_struct_ref_seq.pdbx_seq_align_end_ins_code 
_struct_ref_seq.pdbx_db_accession 
_struct_ref_seq.db_align_beg 
_struct_ref_seq.pdbx_db_align_beg_ins_code 
_struct_ref_seq.db_align_end 
_struct_ref_seq.pdbx_db_align_end_ins_code 
_struct_ref_seq.pdbx_auth_seq_align_beg 
_struct_ref_seq.pdbx_auth_seq_align_end 
1 1 3Q5C A 1 ? 10 ? 3Q5C 1 ? 10 ? 1 10 
2 1 3Q5C B 1 ? 10 ? 3Q5C 1 ? 10 ? 1 10 
3 1 3Q5C C 1 ? 10 ? 3Q5C 1 ? 10 ? 1 10 
4 1 3Q5C D 1 ? 10 ? 3Q5C 1 ? 10 ? 1 10 
# 
loop_
_chem_comp.id 
_chem_comp.type 
_chem_comp.mon_nstd_flag 
_chem_comp.name 
_chem_comp.pdbx_synonyms 
_chem_comp.formula 
_chem_comp.formula_weight 
DC  'DNA linking' y "2'-DEOXYCYTIDINE-5'-MONOPHOSPHATE"  ? 'C9 H14 N3 O7 P'  307.197 
DG  'DNA linking' y "2'-DEOXYGUANOSINE-5'-MONOPHOSPHATE" ? 'C10 H14 N5 O7 P' 347.221 
HOH non-polymer   . WATER                                ? 'H2 O'            18.015  
# 
_exptl.entry_id          3Q5C 
_exptl.method            'X-RAY DIFFRACTION' 
_exptl.crystals_number   1 
# 
_exptl_crystal.id                    1 
_exptl_crystal.density_meas          ? 
_exptl_crystal.density_Matthews      2.26 
_exptl_crystal.density_percent_sol   45.65 
_exptl_crystal.description           ? 
_exptl_crystal.F_000                 ? 
_exptl_crystal.preparation           ? 
# 
_exptl_crystal_grow.crystal_id      1 
_exptl_crystal_grow.method          'VAPOR DIFFUSION, HANGING DROP' 
_exptl_crystal_grow.temp            298 
_exptl_crystal_grow.temp_details    ? 
_exptl_crystal_grow.pH              7.0 
_exptl_crystal_grow.pdbx_details    
;1mM DNA, 50mM Cacodylate buffer, 50mM CaCl2, 1mM spermine, 50% MPD in Reservior, pH 7.0, VAPOR DIFFUSION, HANGING DROP, temperature 298K
;
_exptl_crystal_grow.pdbx_pH_range   ? 
# 
_diffrn.id                     1 
_diffrn.ambient_temp           100 
_diffrn.ambient_temp_details   ? 
_diffrn.crystal_id             1 
# 
_diffrn_detector.diffrn_id              1 
_diffrn_detector.detector               CCD 
_diffrn_detector.type                   'MARMOSAIC 225 mm CCD' 
_diffrn_detector.pdbx_collection_date   2010-07-07 
_diffrn_detector.details                ? 
# 
_diffrn_radiation.diffrn_id                        1 
_diffrn_radiation.wavelength_id                    1 
_diffrn_radiation.pdbx_monochromatic_or_laue_m_l   M 
_diffrn_radiation.monochromator                    'Si (111)' 
_diffrn_radiation.pdbx_diffrn_protocol             'SINGLE WAVELENGTH' 
_diffrn_radiation.pdbx_scattering_type             x-ray 
# 
_diffrn_radiation_wavelength.id           1 
_diffrn_radiation_wavelength.wavelength   0.9922 
_diffrn_radiation_wavelength.wt           1.0 
# 
_diffrn_source.diffrn_id                   1 
_diffrn_source.source                      SYNCHROTRON 
_diffrn_source.type                        'ESRF BEAMLINE BM14' 
_diffrn_source.pdbx_synchrotron_site       ESRF 
_diffrn_source.pdbx_synchrotron_beamline   BM14 
_diffrn_source.pdbx_wavelength             ? 
_diffrn_source.pdbx_wavelength_list        0.9922 
# 
_reflns.entry_id                     3Q5C 
_reflns.observed_criterion_sigma_I   1.0 
_reflns.observed_criterion_sigma_F   2.0 
_reflns.d_resolution_low             36.80 
_reflns.d_resolution_high            2.50 
_reflns.number_obs                   3490 
_reflns.number_all                   3708 
_reflns.percent_possible_obs         94.1 
_reflns.pdbx_Rmerge_I_obs            0.097 
_reflns.pdbx_Rsym_value              0.130 
_reflns.pdbx_netI_over_sigmaI        3.8 
_reflns.B_iso_Wilson_estimate        33.8 
_reflns.pdbx_redundancy              1.9 
_reflns.R_free_details               ? 
_reflns.limit_h_max                  ? 
_reflns.limit_h_min                  ? 
_reflns.limit_k_max                  ? 
_reflns.limit_k_min                  ? 
_reflns.limit_l_max                  ? 
_reflns.limit_l_min                  ? 
_reflns.observed_criterion_F_max     ? 
_reflns.observed_criterion_F_min     ? 
_reflns.pdbx_chi_squared             ? 
_reflns.pdbx_scaling_rejects         ? 
_reflns.pdbx_ordinal                 1 
_reflns.pdbx_diffrn_id               1 
# 
_reflns_shell.d_res_high                  2.50 
_reflns_shell.d_res_low                   2.64 
_reflns_shell.percent_possible_all        93.2 
_reflns_shell.Rmerge_I_obs                0.278 
_reflns_shell.pdbx_Rsym_value             0.393 
_reflns_shell.meanI_over_sigI_obs         1.4 
_reflns_shell.pdbx_redundancy             1.9 
_reflns_shell.percent_possible_obs        ? 
_reflns_shell.number_unique_all           535 
_reflns_shell.number_measured_all         ? 
_reflns_shell.number_measured_obs         ? 
_reflns_shell.number_unique_obs           ? 
_reflns_shell.pdbx_chi_squared            ? 
_reflns_shell.pdbx_rejects                ? 
_reflns_shell.pdbx_netI_over_sigmaI_obs   ? 
_reflns_shell.number_possible             ? 
_reflns_shell.Rmerge_F_all                ? 
_reflns_shell.Rmerge_F_obs                ? 
_reflns_shell.Rmerge_I_all                ? 
_reflns_shell.meanI_over_sigI_all         ? 
_reflns_shell.pdbx_Rrim_I_all             ? 
_reflns_shell.pdbx_Rpim_I_all             ? 
_reflns_shell.pdbx_ordinal                1 
_reflns_shell.pdbx_diffrn_id              1 
# 
_refine.entry_id                                 3Q5C 
_refine.ls_number_reflns_obs                     3449 
_refine.ls_number_reflns_all                     3606 
_refine.pdbx_ls_sigma_I                          ? 
_refine.pdbx_ls_sigma_F                          0.010 
_refine.pdbx_data_cutoff_high_absF               ? 
_refine.pdbx_data_cutoff_low_absF                ? 
_refine.pdbx_data_cutoff_high_rms_absF           ? 
_refine.ls_d_res_low                             29.3570 
_refine.ls_d_res_high                            2.5010 
_refine.ls_percent_reflns_obs                    90.42 
_refine.ls_R_factor_obs                          0.2425 
_refine.ls_R_factor_all                          ? 
_refine.ls_R_factor_R_work                       0.2407 
_refine.ls_R_factor_R_free                       0.2743 
_refine.ls_R_factor_R_free_error                 ? 
_refine.ls_R_factor_R_free_error_details         ? 
_refine.ls_percent_reflns_R_free                 4.33 
_refine.ls_number_reflns_R_free                  145 
_refine.ls_number_parameters                     ? 
_refine.ls_number_restraints                     ? 
_refine.occupancy_min                            ? 
_refine.occupancy_max                            ? 
_refine.correlation_coeff_Fo_to_Fc               ? 
_refine.correlation_coeff_Fo_to_Fc_free          ? 
_refine.B_iso_mean                               51.6479 
_refine.solvent_model_param_bsol                 35.6020 
_refine.solvent_model_param_ksol                 0.3240 
_refine.pdbx_isotropic_thermal_model             ? 
_refine.aniso_B[1][1]                            27.9058 
_refine.aniso_B[2][2]                            -27.2791 
_refine.aniso_B[3][3]                            -0.6267 
_refine.aniso_B[1][2]                            5.2849 
_refine.aniso_B[1][3]                            -8.3794 
_refine.aniso_B[2][3]                            4.1963 
_refine.pdbx_ls_cross_valid_method               Throught 
_refine.pdbx_starting_model                      'PDB ENTRY 1P4Y' 
_refine.pdbx_method_to_determine_struct          'MOLECULAR REPLACEMENT' 
_refine.solvent_model_details                    'FLAT BULK SOLVENT MODEL' 
_refine.pdbx_stereochemistry_target_values       ML 
_refine.pdbx_stereochem_target_val_spec_case     ? 
_refine.pdbx_R_Free_selection_details            RANDOM 
_refine.pdbx_overall_ESU_R_Free                  ? 
_refine.overall_SU_ML                            0.0000 
_refine.overall_SU_B                             ? 
_refine.overall_SU_R_Cruickshank_DPI             ? 
_refine.ls_redundancy_reflns_obs                 ? 
_refine.B_iso_min                                ? 
_refine.B_iso_max                                ? 
_refine.overall_SU_R_free                        ? 
_refine.ls_wR_factor_R_free                      ? 
_refine.ls_wR_factor_R_work                      ? 
_refine.overall_FOM_free_R_set                   ? 
_refine.overall_FOM_work_R_set                   ? 
_refine.pdbx_solvent_vdw_probe_radii             1.1100 
_refine.pdbx_solvent_ion_probe_radii             ? 
_refine.pdbx_solvent_shrinkage_radii             0.9000 
_refine.pdbx_overall_phase_error                 41.0200 
_refine.details                                  ? 
_refine.pdbx_refine_id                           'X-RAY DIFFRACTION' 
_refine.pdbx_overall_ESU_R                       ? 
_refine.pdbx_diffrn_id                           1 
_refine.pdbx_TLS_residual_ADP_flag               ? 
_refine.pdbx_overall_SU_R_free_Cruickshank_DPI   ? 
_refine.pdbx_overall_SU_R_Blow_DPI               ? 
_refine.pdbx_overall_SU_R_free_Blow_DPI          ? 
# 
_refine_hist.pdbx_refine_id                   'X-RAY DIFFRACTION' 
_refine_hist.cycle_id                         LAST 
_refine_hist.pdbx_number_atoms_protein        0 
_refine_hist.pdbx_number_atoms_nucleic_acid   808 
_refine_hist.pdbx_number_atoms_ligand         0 
_refine_hist.number_atoms_solvent             9 
_refine_hist.number_atoms_total               817 
_refine_hist.d_res_high                       2.5010 
_refine_hist.d_res_low                        29.3570 
# 
loop_
_refine_ls_restr.pdbx_refine_id 
_refine_ls_restr.type 
_refine_ls_restr.number 
_refine_ls_restr.dev_ideal 
_refine_ls_restr.dev_ideal_target 
_refine_ls_restr.weight 
_refine_ls_restr.pdbx_restraint_function 
'X-RAY DIFFRACTION' f_bond_d           904  0.016  ? ? ? 
'X-RAY DIFFRACTION' f_angle_d          1388 2.739  ? ? ? 
'X-RAY DIFFRACTION' f_chiral_restr     156  0.110  ? ? ? 
'X-RAY DIFFRACTION' f_plane_restr      40   0.008  ? ? ? 
'X-RAY DIFFRACTION' f_dihedral_angle_d 384  36.143 ? ? ? 
# 
_struct.entry_id                  3Q5C 
_struct.title                     'Crystal structure of four-way junction with sticky end' 
_struct.pdbx_model_details        ? 
_struct.pdbx_CASP_flag            ? 
_struct.pdbx_model_type_details   ? 
# 
_struct_keywords.entry_id        3Q5C 
_struct_keywords.pdbx_keywords   DNA 
_struct_keywords.text            'Sticky end, DNA' 
# 
loop_
_struct_asym.id 
_struct_asym.pdbx_blank_PDB_chainid_flag 
_struct_asym.pdbx_modified 
_struct_asym.entity_id 
_struct_asym.details 
A N N 1 ? 
B N N 1 ? 
C N N 1 ? 
D N N 1 ? 
E N N 2 ? 
F N N 2 ? 
G N N 2 ? 
H N N 2 ? 
# 
_struct_biol.id        1 
_struct_biol.details   ? 
# 
loop_
_struct_conn.id 
_struct_conn.conn_type_id 
_struct_conn.pdbx_leaving_atom_flag 
_struct_conn.pdbx_PDB_id 
_struct_conn.ptnr1_label_asym_id 
_struct_conn.ptnr1_label_comp_id 
_struct_conn.ptnr1_label_seq_id 
_struct_conn.ptnr1_label_atom_id 
_struct_conn.pdbx_ptnr1_label_alt_id 
_struct_conn.pdbx_ptnr1_PDB_ins_code 
_struct_conn.pdbx_ptnr1_standard_comp_id 
_struct_conn.ptnr1_symmetry 
_struct_conn.ptnr2_label_asym_id 
_struct_conn.ptnr2_label_comp_id 
_struct_conn.ptnr2_label_seq_id 
_struct_conn.ptnr2_label_atom_id 
_struct_conn.pdbx_ptnr2_label_alt_id 
_struct_conn.pdbx_ptnr2_PDB_ins_code 
_struct_conn.ptnr1_auth_asym_id 
_struct_conn.ptnr1_auth_comp_id 
_struct_conn.ptnr1_auth_seq_id 
_struct_conn.ptnr2_auth_asym_id 
_struct_conn.ptnr2_auth_comp_id 
_struct_conn.ptnr2_auth_seq_id 
_struct_conn.ptnr2_symmetry 
_struct_conn.pdbx_ptnr3_label_atom_id 
_struct_conn.pdbx_ptnr3_label_seq_id 
_struct_conn.pdbx_ptnr3_label_comp_id 
_struct_conn.pdbx_ptnr3_label_asym_id 
_struct_conn.pdbx_ptnr3_label_alt_id 
_struct_conn.pdbx_ptnr3_PDB_ins_code 
_struct_conn.details 
_struct_conn.pdbx_dist_value 
_struct_conn.pdbx_value_order 
_struct_conn.pdbx_role 
hydrog1  hydrog ? ? A DG 3  N1 ? ? ? 1_555 B DC 10 N3 ? ? A DG 3  B DC 10 1_555 ? ? ? ? ? ? WATSON-CRICK ? ? ? 
hydrog2  hydrog ? ? A DG 3  N2 ? ? ? 1_555 B DC 10 O2 ? ? A DG 3  B DC 10 1_555 ? ? ? ? ? ? WATSON-CRICK ? ? ? 
hydrog3  hydrog ? ? A DG 3  O6 ? ? ? 1_555 B DC 10 N4 ? ? A DG 3  B DC 10 1_555 ? ? ? ? ? ? WATSON-CRICK ? ? ? 
hydrog4  hydrog ? ? A DC 4  N3 ? ? ? 1_555 B DG 9  N1 ? ? A DC 4  B DG 9  1_555 ? ? ? ? ? ? WATSON-CRICK ? ? ? 
hydrog5  hydrog ? ? A DC 4  N4 ? ? ? 1_555 B DG 9  O6 ? ? A DC 4  B DG 9  1_555 ? ? ? ? ? ? WATSON-CRICK ? ? ? 
hydrog6  hydrog ? ? A DC 4  O2 ? ? ? 1_555 B DG 9  N2 ? ? A DC 4  B DG 9  1_555 ? ? ? ? ? ? WATSON-CRICK ? ? ? 
hydrog7  hydrog ? ? A DG 5  N1 ? ? ? 1_555 B DC 8  N3 ? ? A DG 5  B DC 8  1_555 ? ? ? ? ? ? WATSON-CRICK ? ? ? 
hydrog8  hydrog ? ? A DG 5  N2 ? ? ? 1_555 B DC 8  O2 ? ? A DG 5  B DC 8  1_555 ? ? ? ? ? ? WATSON-CRICK ? ? ? 
hydrog9  hydrog ? ? A DG 5  O6 ? ? ? 1_555 B DC 8  N4 ? ? A DG 5  B DC 8  1_555 ? ? ? ? ? ? WATSON-CRICK ? ? ? 
hydrog10 hydrog ? ? A DG 6  N1 ? ? ? 1_555 B DC 7  N3 ? ? A DG 6  B DC 7  1_555 ? ? ? ? ? ? WATSON-CRICK ? ? ? 
hydrog11 hydrog ? ? A DG 6  N2 ? ? ? 1_555 B DC 7  O2 ? ? A DG 6  B DC 7  1_555 ? ? ? ? ? ? WATSON-CRICK ? ? ? 
hydrog12 hydrog ? ? A DG 6  O6 ? ? ? 1_555 B DC 7  N4 ? ? A DG 6  B DC 7  1_555 ? ? ? ? ? ? WATSON-CRICK ? ? ? 
hydrog13 hydrog ? ? A DC 7  N3 ? ? ? 1_555 D DG 6  N1 ? ? A DC 7  D DG 6  1_555 ? ? ? ? ? ? WATSON-CRICK ? ? ? 
hydrog14 hydrog ? ? A DC 7  N4 ? ? ? 1_555 D DG 6  O6 ? ? A DC 7  D DG 6  1_555 ? ? ? ? ? ? WATSON-CRICK ? ? ? 
hydrog15 hydrog ? ? A DC 7  O2 ? ? ? 1_555 D DG 6  N2 ? ? A DC 7  D DG 6  1_555 ? ? ? ? ? ? WATSON-CRICK ? ? ? 
hydrog16 hydrog ? ? A DC 8  N3 ? ? ? 1_555 D DG 5  N1 ? ? A DC 8  D DG 5  1_555 ? ? ? ? ? ? WATSON-CRICK ? ? ? 
hydrog17 hydrog ? ? A DC 8  N4 ? ? ? 1_555 D DG 5  O6 ? ? A DC 8  D DG 5  1_555 ? ? ? ? ? ? WATSON-CRICK ? ? ? 
hydrog18 hydrog ? ? A DC 8  O2 ? ? ? 1_555 D DG 5  N2 ? ? A DC 8  D DG 5  1_555 ? ? ? ? ? ? WATSON-CRICK ? ? ? 
hydrog19 hydrog ? ? A DG 9  N1 ? ? ? 1_555 D DC 4  N3 ? ? A DG 9  D DC 4  1_555 ? ? ? ? ? ? WATSON-CRICK ? ? ? 
hydrog20 hydrog ? ? A DG 9  N2 ? ? ? 1_555 D DC 4  O2 ? ? A DG 9  D DC 4  1_555 ? ? ? ? ? ? WATSON-CRICK ? ? ? 
hydrog21 hydrog ? ? A DG 9  O6 ? ? ? 1_555 D DC 4  N4 ? ? A DG 9  D DC 4  1_555 ? ? ? ? ? ? WATSON-CRICK ? ? ? 
hydrog22 hydrog ? ? A DC 10 N4 ? ? ? 1_555 D DG 2  O6 ? ? A DC 10 D DG 2  1_555 ? ? ? ? ? ? 'DC-DG PAIR' ? ? ? 
hydrog23 hydrog ? ? A DC 10 N3 ? ? ? 1_555 D DG 3  N1 ? ? A DC 10 D DG 3  1_555 ? ? ? ? ? ? WATSON-CRICK ? ? ? 
hydrog24 hydrog ? ? A DC 10 N4 ? ? ? 1_555 D DG 3  O6 ? ? A DC 10 D DG 3  1_555 ? ? ? ? ? ? WATSON-CRICK ? ? ? 
hydrog25 hydrog ? ? A DC 10 O2 ? ? ? 1_555 D DG 3  N2 ? ? A DC 10 D DG 3  1_555 ? ? ? ? ? ? WATSON-CRICK ? ? ? 
hydrog26 hydrog ? ? B DG 3  N1 ? ? ? 1_555 C DC 10 N3 ? ? B DG 3  C DC 10 1_555 ? ? ? ? ? ? WATSON-CRICK ? ? ? 
hydrog27 hydrog ? ? B DG 3  N2 ? ? ? 1_555 C DC 10 O2 ? ? B DG 3  C DC 10 1_555 ? ? ? ? ? ? WATSON-CRICK ? ? ? 
hydrog28 hydrog ? ? B DG 3  O6 ? ? ? 1_555 C DC 10 N4 ? ? B DG 3  C DC 10 1_555 ? ? ? ? ? ? WATSON-CRICK ? ? ? 
hydrog29 hydrog ? ? B DC 4  O2 ? ? ? 1_555 C DG 9  N2 ? ? B DC 4  C DG 9  1_555 ? ? ? ? ? ? 'DC-DG PAIR' ? ? ? 
hydrog30 hydrog ? ? B DG 5  O6 ? ? ? 1_555 C DC 7  N4 ? ? B DG 5  C DC 7  1_555 ? ? ? ? ? ? 'DG-DC PAIR' ? ? ? 
hydrog31 hydrog ? ? B DG 5  N1 ? ? ? 1_555 C DC 8  N3 ? ? B DG 5  C DC 8  1_555 ? ? ? ? ? ? WATSON-CRICK ? ? ? 
hydrog32 hydrog ? ? B DG 5  N2 ? ? ? 1_555 C DC 8  O2 ? ? B DG 5  C DC 8  1_555 ? ? ? ? ? ? WATSON-CRICK ? ? ? 
hydrog33 hydrog ? ? B DG 5  O6 ? ? ? 1_555 C DC 8  N4 ? ? B DG 5  C DC 8  1_555 ? ? ? ? ? ? WATSON-CRICK ? ? ? 
hydrog34 hydrog ? ? B DG 6  N1 ? ? ? 1_555 C DC 7  N3 ? ? B DG 6  C DC 7  1_555 ? ? ? ? ? ? WATSON-CRICK ? ? ? 
hydrog35 hydrog ? ? B DG 6  N2 ? ? ? 1_555 C DC 7  O2 ? ? B DG 6  C DC 7  1_555 ? ? ? ? ? ? WATSON-CRICK ? ? ? 
hydrog36 hydrog ? ? B DG 6  O6 ? ? ? 1_555 C DC 7  N4 ? ? B DG 6  C DC 7  1_555 ? ? ? ? ? ? WATSON-CRICK ? ? ? 
hydrog37 hydrog ? ? C DG 3  N1 ? ? ? 1_555 D DC 10 N3 ? ? C DG 3  D DC 10 1_555 ? ? ? ? ? ? WATSON-CRICK ? ? ? 
hydrog38 hydrog ? ? C DG 3  N2 ? ? ? 1_555 D DC 10 O2 ? ? C DG 3  D DC 10 1_555 ? ? ? ? ? ? WATSON-CRICK ? ? ? 
hydrog39 hydrog ? ? C DG 3  O6 ? ? ? 1_555 D DC 10 N4 ? ? C DG 3  D DC 10 1_555 ? ? ? ? ? ? WATSON-CRICK ? ? ? 
hydrog40 hydrog ? ? C DC 4  N3 ? ? ? 1_555 D DG 9  N1 ? ? C DC 4  D DG 9  1_555 ? ? ? ? ? ? WATSON-CRICK ? ? ? 
hydrog41 hydrog ? ? C DC 4  N4 ? ? ? 1_555 D DG 9  O6 ? ? C DC 4  D DG 9  1_555 ? ? ? ? ? ? WATSON-CRICK ? ? ? 
hydrog42 hydrog ? ? C DC 4  O2 ? ? ? 1_555 D DG 9  N2 ? ? C DC 4  D DG 9  1_555 ? ? ? ? ? ? WATSON-CRICK ? ? ? 
hydrog43 hydrog ? ? C DG 5  N1 ? ? ? 1_555 D DC 8  N3 ? ? C DG 5  D DC 8  1_555 ? ? ? ? ? ? WATSON-CRICK ? ? ? 
hydrog44 hydrog ? ? C DG 5  N2 ? ? ? 1_555 D DC 8  O2 ? ? C DG 5  D DC 8  1_555 ? ? ? ? ? ? WATSON-CRICK ? ? ? 
hydrog45 hydrog ? ? C DG 5  O6 ? ? ? 1_555 D DC 8  N4 ? ? C DG 5  D DC 8  1_555 ? ? ? ? ? ? WATSON-CRICK ? ? ? 
hydrog46 hydrog ? ? C DG 6  N1 ? ? ? 1_555 D DC 7  N3 ? ? C DG 6  D DC 7  1_555 ? ? ? ? ? ? 'DG-DC PAIR' ? ? ? 
# 
_struct_conn_type.id          hydrog 
_struct_conn_type.criteria    ? 
_struct_conn_type.reference   ? 
# 
_atom_sites.entry_id                    3Q5C 
_atom_sites.fract_transf_matrix[1][1]   -0.04366689 
_atom_sites.fract_transf_matrix[1][2]   -0.00293239 
_atom_sites.fract_transf_matrix[1][3]   0.01318178 
_atom_sites.fract_transf_matrix[2][1]   -0.00376231 
_atom_sites.fract_transf_matrix[2][2]   0.00479530 
_atom_sites.fract_transf_matrix[2][3]   0.03408816 
_atom_sites.fract_transf_matrix[3][1]   -0.00397684 
_atom_sites.fract_transf_matrix[3][2]   0.02586965 
_atom_sites.fract_transf_matrix[3][3]   0.00732791 
_atom_sites.fract_transf_vector[1]      -0.043296 
_atom_sites.fract_transf_vector[2]      -0.034778 
_atom_sites.fract_transf_vector[3]      -0.499547 
# 
loop_
_atom_type.symbol 
C 
N 
O 
P 
# 
loop_
_atom_site.group_PDB 
_atom_site.id 
_atom_site.type_symbol 
_atom_site.label_atom_id 
_atom_site.label_alt_id 
_atom_site.label_comp_id 
_atom_site.label_asym_id 
_atom_site.label_entity_id 
_atom_site.label_seq_id 
_atom_site.pdbx_PDB_ins_code 
_atom_site.Cartn_x 
_atom_site.Cartn_y 
_atom_site.Cartn_z 
_atom_site.occupancy 
_atom_site.B_iso_or_equiv 
_atom_site.pdbx_formal_charge 
_atom_site.auth_seq_id 
_atom_site.auth_comp_id 
_atom_site.auth_asym_id 
_atom_site.auth_atom_id 
_atom_site.pdbx_PDB_model_num 
ATOM   1   O "O5'" . DC  A 1 1  ? -3.641  -22.580 12.012  1.00 50.39 ? 1  DC  A "O5'" 1 
ATOM   2   C "C5'" . DC  A 1 1  ? -4.446  -21.920 12.997  1.00 50.26 ? 1  DC  A "C5'" 1 
ATOM   3   C "C4'" . DC  A 1 1  ? -5.919  -21.820 12.578  1.00 50.69 ? 1  DC  A "C4'" 1 
ATOM   4   O "O4'" . DC  A 1 1  ? -6.645  -20.969 13.498  1.00 49.41 ? 1  DC  A "O4'" 1 
ATOM   5   C "C3'" . DC  A 1 1  ? -6.204  -21.215 11.218  1.00 50.87 ? 1  DC  A "C3'" 1 
ATOM   6   O "O3'" . DC  A 1 1  ? -7.031  -22.054 10.436  1.00 56.57 ? 1  DC  A "O3'" 1 
ATOM   7   C "C2'" . DC  A 1 1  ? -6.946  -19.908 11.467  1.00 51.90 ? 1  DC  A "C2'" 1 
ATOM   8   C "C1'" . DC  A 1 1  ? -6.879  -19.682 12.964  1.00 47.66 ? 1  DC  A "C1'" 1 
ATOM   9   N N1    . DC  A 1 1  ? -5.876  -18.622 13.484  1.00 46.54 ? 1  DC  A N1    1 
ATOM   10  C C2    . DC  A 1 1  ? -6.281  -17.272 13.657  1.00 45.07 ? 1  DC  A C2    1 
ATOM   11  O O2    . DC  A 1 1  ? -7.453  -16.955 13.379  1.00 44.15 ? 1  DC  A O2    1 
ATOM   12  N N3    . DC  A 1 1  ? -5.384  -16.341 14.120  1.00 43.51 ? 1  DC  A N3    1 
ATOM   13  C C4    . DC  A 1 1  ? -4.126  -16.708 14.422  1.00 43.86 ? 1  DC  A C4    1 
ATOM   14  N N4    . DC  A 1 1  ? -3.258  -15.782 14.896  1.00 42.95 ? 1  DC  A N4    1 
ATOM   15  C C5    . DC  A 1 1  ? -3.705  -18.067 14.253  1.00 44.17 ? 1  DC  A C5    1 
ATOM   16  C C6    . DC  A 1 1  ? -4.587  -18.973 13.796  1.00 45.53 ? 1  DC  A C6    1 
ATOM   17  P P     . DG  A 1 2  ? -6.846  -21.959 8.828   1.00 63.18 ? 2  DG  A P     1 
ATOM   18  O OP1   . DG  A 1 2  ? -7.573  -23.003 8.045   1.00 61.38 ? 2  DG  A OP1   1 
ATOM   19  O OP2   . DG  A 1 2  ? -5.355  -21.832 8.714   1.00 54.26 ? 2  DG  A OP2   1 
ATOM   20  O "O5'" . DG  A 1 2  ? -7.595  -20.571 8.492   1.00 58.76 ? 2  DG  A "O5'" 1 
ATOM   21  C "C5'" . DG  A 1 2  ? -9.015  -20.482 8.537   1.00 55.44 ? 2  DG  A "C5'" 1 
ATOM   22  C "C4'" . DG  A 1 2  ? -9.454  -19.058 8.243   1.00 52.58 ? 2  DG  A "C4'" 1 
ATOM   23  O "O4'" . DG  A 1 2  ? -8.783  -18.148 9.144   1.00 52.76 ? 2  DG  A "O4'" 1 
ATOM   24  C "C3'" . DG  A 1 2  ? -9.109  -18.531 6.862   1.00 56.29 ? 2  DG  A "C3'" 1 
ATOM   25  O "O3'" . DG  A 1 2  ? -10.118 -17.601 6.450   1.00 60.00 ? 2  DG  A "O3'" 1 
ATOM   26  C "C2'" . DG  A 1 2  ? -7.766  -17.839 7.072   1.00 54.61 ? 2  DG  A "C2'" 1 
ATOM   27  C "C1'" . DG  A 1 2  ? -7.984  -17.212 8.438   1.00 53.28 ? 2  DG  A "C1'" 1 
ATOM   28  N N9    . DG  A 1 2  ? -6.750  -16.969 9.201   1.00 52.46 ? 2  DG  A N9    1 
ATOM   29  C C8    . DG  A 1 2  ? -5.678  -17.827 9.367   1.00 51.08 ? 2  DG  A C8    1 
ATOM   30  N N7    . DG  A 1 2  ? -4.711  -17.347 10.109  1.00 49.30 ? 2  DG  A N7    1 
ATOM   31  C C5    . DG  A 1 2  ? -5.175  -16.078 10.471  1.00 49.33 ? 2  DG  A C5    1 
ATOM   32  C C6    . DG  A 1 2  ? -4.545  -15.083 11.285  1.00 49.82 ? 2  DG  A C6    1 
ATOM   33  O O6    . DG  A 1 2  ? -3.422  -15.150 11.865  1.00 46.79 ? 2  DG  A O6    1 
ATOM   34  N N1    . DG  A 1 2  ? -5.376  -13.940 11.391  1.00 50.59 ? 2  DG  A N1    1 
ATOM   35  C C2    . DG  A 1 2  ? -6.634  -13.771 10.798  1.00 50.39 ? 2  DG  A C2    1 
ATOM   36  N N2    . DG  A 1 2  ? -7.269  -12.598 11.032  1.00 49.45 ? 2  DG  A N2    1 
ATOM   37  N N3    . DG  A 1 2  ? -7.218  -14.702 10.032  1.00 49.33 ? 2  DG  A N3    1 
ATOM   38  C C4    . DG  A 1 2  ? -6.432  -15.825 9.921   1.00 50.55 ? 2  DG  A C4    1 
ATOM   39  P P     . DG  A 1 3  ? -10.161 -17.055 4.939   1.00 59.22 ? 3  DG  A P     1 
ATOM   40  O OP1   . DG  A 1 3  ? -11.528 -17.048 4.321   1.00 58.39 ? 3  DG  A OP1   1 
ATOM   41  O OP2   . DG  A 1 3  ? -9.018  -17.773 4.299   1.00 51.72 ? 3  DG  A OP2   1 
ATOM   42  O "O5'" . DG  A 1 3  ? -9.808  -15.515 5.207   1.00 59.61 ? 3  DG  A "O5'" 1 
ATOM   43  C "C5'" . DG  A 1 3  ? -10.631 -14.759 6.114   1.00 59.13 ? 3  DG  A "C5'" 1 
ATOM   44  C "C4'" . DG  A 1 3  ? -10.274 -13.272 6.084   1.00 61.44 ? 3  DG  A "C4'" 1 
ATOM   45  O "O4'" . DG  A 1 3  ? -9.084  -12.961 6.870   1.00 60.18 ? 3  DG  A "O4'" 1 
ATOM   46  C "C3'" . DG  A 1 3  ? -9.982  -12.681 4.707   1.00 60.79 ? 3  DG  A "C3'" 1 
ATOM   47  O "O3'" . DG  A 1 3  ? -10.387 -11.308 4.760   1.00 65.88 ? 3  DG  A "O3'" 1 
ATOM   48  C "C2'" . DG  A 1 3  ? -8.464  -12.854 4.584   1.00 58.29 ? 3  DG  A "C2'" 1 
ATOM   49  C "C1'" . DG  A 1 3  ? -8.030  -12.511 6.016   1.00 57.73 ? 3  DG  A "C1'" 1 
ATOM   50  N N9    . DG  A 1 3  ? -6.785  -13.127 6.507   1.00 56.09 ? 3  DG  A N9    1 
ATOM   51  C C8    . DG  A 1 3  ? -6.283  -14.397 6.272   1.00 54.40 ? 3  DG  A C8    1 
ATOM   52  N N7    . DG  A 1 3  ? -5.147  -14.634 6.895   1.00 54.60 ? 3  DG  A N7    1 
ATOM   53  C C5    . DG  A 1 3  ? -4.877  -13.450 7.593   1.00 52.40 ? 3  DG  A C5    1 
ATOM   54  C C6    . DG  A 1 3  ? -3.791  -13.104 8.444   1.00 49.07 ? 3  DG  A C6    1 
ATOM   55  O O6    . DG  A 1 3  ? -2.796  -13.771 8.779   1.00 47.06 ? 3  DG  A O6    1 
ATOM   56  N N1    . DG  A 1 3  ? -3.931  -11.803 8.922   1.00 48.68 ? 3  DG  A N1    1 
ATOM   57  C C2    . DG  A 1 3  ? -4.977  -10.945 8.632   1.00 52.14 ? 3  DG  A C2    1 
ATOM   58  N N2    . DG  A 1 3  ? -4.920  -9.731  9.217   1.00 53.68 ? 3  DG  A N2    1 
ATOM   59  N N3    . DG  A 1 3  ? -6.007  -11.248 7.839   1.00 52.82 ? 3  DG  A N3    1 
ATOM   60  C C4    . DG  A 1 3  ? -5.884  -12.518 7.365   1.00 54.14 ? 3  DG  A C4    1 
ATOM   61  P P     . DC  A 1 4  ? -10.637 -10.410 3.430   1.00 71.52 ? 4  DC  A P     1 
ATOM   62  O OP1   . DC  A 1 4  ? -12.075 -9.989  3.416   1.00 64.75 ? 4  DC  A OP1   1 
ATOM   63  O OP2   . DC  A 1 4  ? -10.000 -11.086 2.249   1.00 59.04 ? 4  DC  A OP2   1 
ATOM   64  O "O5'" . DC  A 1 4  ? -9.741  -9.132  3.819   1.00 60.32 ? 4  DC  A "O5'" 1 
ATOM   65  C "C5'" . DC  A 1 4  ? -9.421  -8.828  5.185   1.00 58.73 ? 4  DC  A "C5'" 1 
ATOM   66  C "C4'" . DC  A 1 4  ? -8.227  -7.897  5.108   1.00 57.48 ? 4  DC  A "C4'" 1 
ATOM   67  O "O4'" . DC  A 1 4  ? -6.995  -8.601  5.417   1.00 54.78 ? 4  DC  A "O4'" 1 
ATOM   68  C "C3'" . DC  A 1 4  ? -8.033  -7.307  3.705   1.00 58.08 ? 4  DC  A "C3'" 1 
ATOM   69  O "O3'" . DC  A 1 4  ? -7.638  -5.909  3.840   1.00 53.35 ? 4  DC  A "O3'" 1 
ATOM   70  C "C2'" . DC  A 1 4  ? -7.017  -8.288  3.080   1.00 55.80 ? 4  DC  A "C2'" 1 
ATOM   71  C "C1'" . DC  A 1 4  ? -6.135  -8.626  4.291   1.00 51.54 ? 4  DC  A "C1'" 1 
ATOM   72  N N1    . DC  A 1 4  ? -5.411  -9.939  4.330   1.00 47.65 ? 4  DC  A N1    1 
ATOM   73  C C2    . DC  A 1 4  ? -4.362  -10.060 5.244   1.00 49.65 ? 4  DC  A C2    1 
ATOM   74  O O2    . DC  A 1 4  ? -4.054  -9.104  5.963   1.00 51.56 ? 4  DC  A O2    1 
ATOM   75  N N3    . DC  A 1 4  ? -3.687  -11.211 5.348   1.00 49.55 ? 4  DC  A N3    1 
ATOM   76  C C4    . DC  A 1 4  ? -4.032  -12.220 4.566   1.00 51.36 ? 4  DC  A C4    1 
ATOM   77  N N4    . DC  A 1 4  ? -3.316  -13.339 4.725   1.00 51.66 ? 4  DC  A N4    1 
ATOM   78  C C5    . DC  A 1 4  ? -5.098  -12.134 3.617   1.00 48.59 ? 4  DC  A C5    1 
ATOM   79  C C6    . DC  A 1 4  ? -5.765  -10.982 3.538   1.00 49.56 ? 4  DC  A C6    1 
ATOM   80  P P     . DG  A 1 5  ? -7.775  -4.828  2.661   1.00 59.15 ? 5  DG  A P     1 
ATOM   81  O OP1   . DG  A 1 5  ? -9.187  -4.506  2.287   1.00 55.29 ? 5  DG  A OP1   1 
ATOM   82  O OP2   . DG  A 1 5  ? -6.866  -5.286  1.587   1.00 58.05 ? 5  DG  A OP2   1 
ATOM   83  O "O5'" . DG  A 1 5  ? -7.050  -3.589  3.384   1.00 54.06 ? 5  DG  A "O5'" 1 
ATOM   84  C "C5'" . DG  A 1 5  ? -6.077  -3.855  4.403   1.00 52.43 ? 5  DG  A "C5'" 1 
ATOM   85  C "C4'" . DG  A 1 5  ? -4.654  -3.410  4.053   1.00 52.90 ? 5  DG  A "C4'" 1 
ATOM   86  O "O4'" . DG  A 1 5  ? -3.776  -4.575  3.936   1.00 53.93 ? 5  DG  A "O4'" 1 
ATOM   87  C "C3'" . DG  A 1 5  ? -4.394  -2.595  2.779   1.00 51.78 ? 5  DG  A "C3'" 1 
ATOM   88  O "O3'" . DG  A 1 5  ? -3.239  -1.756  3.047   1.00 52.50 ? 5  DG  A "O3'" 1 
ATOM   89  C "C2'" . DG  A 1 5  ? -4.046  -3.719  1.793   1.00 49.45 ? 5  DG  A "C2'" 1 
ATOM   90  C "C1'" . DG  A 1 5  ? -3.163  -4.632  2.653   1.00 51.00 ? 5  DG  A "C1'" 1 
ATOM   91  N N9    . DG  A 1 5  ? -3.114  -6.059  2.303   1.00 49.35 ? 5  DG  A N9    1 
ATOM   92  C C8    . DG  A 1 5  ? -4.016  -6.746  1.514   1.00 49.89 ? 5  DG  A C8    1 
ATOM   93  N N7    . DG  A 1 5  ? -3.758  -8.024  1.388   1.00 48.08 ? 5  DG  A N7    1 
ATOM   94  C C5    . DG  A 1 5  ? -2.607  -8.202  2.142   1.00 47.35 ? 5  DG  A C5    1 
ATOM   95  C C6    . DG  A 1 5  ? -1.871  -9.390  2.370   1.00 47.66 ? 5  DG  A C6    1 
ATOM   96  O O6    . DG  A 1 5  ? -2.098  -10.534 1.940   1.00 48.99 ? 5  DG  A O6    1 
ATOM   97  N N1    . DG  A 1 5  ? -0.778  -9.166  3.190   1.00 45.94 ? 5  DG  A N1    1 
ATOM   98  C C2    . DG  A 1 5  ? -0.456  -7.941  3.714   1.00 46.80 ? 5  DG  A C2    1 
ATOM   99  N N2    . DG  A 1 5  ? 0.650   -7.948  4.470   1.00 46.59 ? 5  DG  A N2    1 
ATOM   100 N N3    . DG  A 1 5  ? -1.139  -6.809  3.517   1.00 47.50 ? 5  DG  A N3    1 
ATOM   101 C C4    . DG  A 1 5  ? -2.206  -7.014  2.720   1.00 46.93 ? 5  DG  A C4    1 
ATOM   102 P P     . DG  A 1 6  ? -2.913  -0.182  2.754   1.00 50.32 ? 6  DG  A P     1 
ATOM   103 O OP1   . DG  A 1 6  ? -3.813  0.771   3.439   1.00 51.09 ? 6  DG  A OP1   1 
ATOM   104 O OP2   . DG  A 1 6  ? -2.559  0.046   1.302   1.00 49.43 ? 6  DG  A OP2   1 
ATOM   105 O "O5'" . DG  A 1 6  ? -1.602  -0.246  3.679   1.00 47.52 ? 6  DG  A "O5'" 1 
ATOM   106 C "C5'" . DG  A 1 6  ? -0.389  0.112   3.131   1.00 46.77 ? 6  DG  A "C5'" 1 
ATOM   107 C "C4'" . DG  A 1 6  ? 0.705   -0.931  3.208   1.00 45.86 ? 6  DG  A "C4'" 1 
ATOM   108 O "O4'" . DG  A 1 6  ? 0.335   -2.291  2.854   1.00 48.37 ? 6  DG  A "O4'" 1 
ATOM   109 C "C3'" . DG  A 1 6  ? 1.713   -0.519  2.154   1.00 50.15 ? 6  DG  A "C3'" 1 
ATOM   110 O "O3'" . DG  A 1 6  ? 2.994   -0.373  2.745   1.00 50.92 ? 6  DG  A "O3'" 1 
ATOM   111 C "C2'" . DG  A 1 6  ? 1.662   -1.615  1.084   1.00 49.55 ? 6  DG  A "C2'" 1 
ATOM   112 C "C1'" . DG  A 1 6  ? 1.223   -2.834  1.861   1.00 48.18 ? 6  DG  A "C1'" 1 
ATOM   113 N N9    . DG  A 1 6  ? 0.481   -3.794  1.025   1.00 48.33 ? 6  DG  A N9    1 
ATOM   114 C C8    . DG  A 1 6  ? -0.626  -3.454  0.268   1.00 48.65 ? 6  DG  A C8    1 
ATOM   115 N N7    . DG  A 1 6  ? -1.166  -4.454  -0.383  1.00 48.10 ? 6  DG  A N7    1 
ATOM   116 C C5    . DG  A 1 6  ? -0.374  -5.540  -0.028  1.00 46.31 ? 6  DG  A C5    1 
ATOM   117 C C6    . DG  A 1 6  ? -0.511  -6.882  -0.441  1.00 46.76 ? 6  DG  A C6    1 
ATOM   118 O O6    . DG  A 1 6  ? -1.401  -7.303  -1.229  1.00 47.30 ? 6  DG  A O6    1 
ATOM   119 N N1    . DG  A 1 6  ? 0.485   -7.710  0.120   1.00 45.09 ? 6  DG  A N1    1 
ATOM   120 C C2    . DG  A 1 6  ? 1.487   -7.274  0.978   1.00 46.59 ? 6  DG  A C2    1 
ATOM   121 N N2    . DG  A 1 6  ? 2.377   -8.189  1.450   1.00 43.72 ? 6  DG  A N2    1 
ATOM   122 N N3    . DG  A 1 6  ? 1.603   -5.995  1.356   1.00 48.94 ? 6  DG  A N3    1 
ATOM   123 C C4    . DG  A 1 6  ? 0.651   -5.174  0.826   1.00 47.63 ? 6  DG  A C4    1 
ATOM   124 P P     . DC  A 1 7  ? 3.315   0.892   3.689   1.00 53.23 ? 7  DC  A P     1 
ATOM   125 O OP1   . DC  A 1 7  ? 4.756   0.620   3.956   1.00 57.54 ? 7  DC  A OP1   1 
ATOM   126 O OP2   . DC  A 1 7  ? 2.344   1.012   4.843   1.00 48.17 ? 7  DC  A OP2   1 
ATOM   127 O "O5'" . DC  A 1 7  ? 3.235   2.186   2.734   1.00 48.09 ? 7  DC  A "O5'" 1 
ATOM   128 C "C5'" . DC  A 1 7  ? 4.347   2.585   1.929   1.00 51.44 ? 7  DC  A "C5'" 1 
ATOM   129 C "C4'" . DC  A 1 7  ? 4.235   4.015   1.378   1.00 53.24 ? 7  DC  A "C4'" 1 
ATOM   130 O "O4'" . DC  A 1 7  ? 2.887   4.497   1.053   1.00 49.23 ? 7  DC  A "O4'" 1 
ATOM   131 C "C3'" . DC  A 1 7  ? 4.804   5.069   2.306   1.00 52.19 ? 7  DC  A "C3'" 1 
ATOM   132 O "O3'" . DC  A 1 7  ? 5.530   6.008   1.476   1.00 53.86 ? 7  DC  A "O3'" 1 
ATOM   133 C "C2'" . DC  A 1 7  ? 3.560   5.616   3.014   1.00 49.24 ? 7  DC  A "C2'" 1 
ATOM   134 C "C1'" . DC  A 1 7  ? 2.507   5.550   1.923   1.00 46.67 ? 7  DC  A "C1'" 1 
ATOM   135 N N1    . DC  A 1 7  ? 1.104   5.305   2.380   1.00 43.15 ? 7  DC  A N1    1 
ATOM   136 C C2    . DC  A 1 7  ? 0.280   6.399   2.571   1.00 45.55 ? 7  DC  A C2    1 
ATOM   137 O O2    . DC  A 1 7  ? 0.781   7.506   2.381   1.00 47.74 ? 7  DC  A O2    1 
ATOM   138 N N3    . DC  A 1 7  ? -1.014  6.232   2.945   1.00 44.92 ? 7  DC  A N3    1 
ATOM   139 C C4    . DC  A 1 7  ? -1.490  4.994   3.117   1.00 45.55 ? 7  DC  A C4    1 
ATOM   140 N N4    . DC  A 1 7  ? -2.775  4.840   3.493   1.00 46.33 ? 7  DC  A N4    1 
ATOM   141 C C5    . DC  A 1 7  ? -0.661  3.853   2.911   1.00 43.70 ? 7  DC  A C5    1 
ATOM   142 C C6    . DC  A 1 7  ? 0.607   4.062   2.544   1.00 44.30 ? 7  DC  A C6    1 
ATOM   143 P P     . DC  A 1 8  ? 7.126   6.129   1.768   1.00 61.91 ? 8  DC  A P     1 
ATOM   144 O OP1   . DC  A 1 8  ? 7.699   6.628   0.487   1.00 55.91 ? 8  DC  A OP1   1 
ATOM   145 O OP2   . DC  A 1 8  ? 7.667   4.914   2.476   1.00 57.85 ? 8  DC  A OP2   1 
ATOM   146 O "O5'" . DC  A 1 8  ? 7.120   7.306   2.872   1.00 57.05 ? 8  DC  A "O5'" 1 
ATOM   147 C "C5'" . DC  A 1 8  ? 6.356   8.488   2.590   1.00 52.10 ? 8  DC  A "C5'" 1 
ATOM   148 C "C4'" . DC  A 1 8  ? 6.196   9.354   3.829   1.00 51.71 ? 8  DC  A "C4'" 1 
ATOM   149 O "O4'" . DC  A 1 8  ? 5.024   8.988   4.616   1.00 48.08 ? 8  DC  A "O4'" 1 
ATOM   150 C "C3'" . DC  A 1 8  ? 7.333   9.257   4.823   1.00 55.63 ? 8  DC  A "C3'" 1 
ATOM   151 O "O3'" . DC  A 1 8  ? 7.229   10.399  5.672   1.00 60.83 ? 8  DC  A "O3'" 1 
ATOM   152 C "C2'" . DC  A 1 8  ? 6.921   7.999   5.574   1.00 53.67 ? 8  DC  A "C2'" 1 
ATOM   153 C "C1'" . DC  A 1 8  ? 5.450   8.342   5.806   1.00 52.05 ? 8  DC  A "C1'" 1 
ATOM   154 N N1    . DC  A 1 8  ? 4.551   7.173   5.894   1.00 52.73 ? 8  DC  A N1    1 
ATOM   155 C C2    . DC  A 1 8  ? 3.167   7.409   6.020   1.00 50.70 ? 8  DC  A C2    1 
ATOM   156 O O2    . DC  A 1 8  ? 2.769   8.586   6.075   1.00 51.40 ? 8  DC  A O2    1 
ATOM   157 N N3    . DC  A 1 8  ? 2.327   6.333   6.069   1.00 49.39 ? 8  DC  A N3    1 
ATOM   158 C C4    . DC  A 1 8  ? 2.833   5.074   5.990   1.00 49.80 ? 8  DC  A C4    1 
ATOM   159 N N4    . DC  A 1 8  ? 1.980   4.029   6.039   1.00 48.42 ? 8  DC  A N4    1 
ATOM   160 C C5    . DC  A 1 8  ? 4.245   4.825   5.870   1.00 49.97 ? 8  DC  A C5    1 
ATOM   161 C C6    . DC  A 1 8  ? 5.055   5.896   5.812   1.00 52.47 ? 8  DC  A C6    1 
ATOM   162 P P     . DG  A 1 9  ? 8.514   10.988  6.453   1.00 64.72 ? 9  DG  A P     1 
ATOM   163 O OP1   . DG  A 1 9  ? 8.812   12.154  5.571   1.00 61.23 ? 9  DG  A OP1   1 
ATOM   164 O OP2   . DG  A 1 9  ? 9.498   9.891   6.765   1.00 53.85 ? 9  DG  A OP2   1 
ATOM   165 O "O5'" . DG  A 1 9  ? 7.944   11.628  7.816   1.00 57.38 ? 9  DG  A "O5'" 1 
ATOM   166 C "C5'" . DG  A 1 9  ? 7.767   13.056  7.826   1.00 58.08 ? 9  DG  A "C5'" 1 
ATOM   167 C "C4'" . DG  A 1 9  ? 6.591   13.405  8.709   1.00 57.61 ? 9  DG  A "C4'" 1 
ATOM   168 O "O4'" . DG  A 1 9  ? 5.595   12.423  8.341   1.00 56.43 ? 9  DG  A "O4'" 1 
ATOM   169 C "C3'" . DG  A 1 9  ? 6.781   13.288  10.233  1.00 57.28 ? 9  DG  A "C3'" 1 
ATOM   170 O "O3'" . DG  A 1 9  ? 6.835   14.552  10.959  1.00 59.43 ? 9  DG  A "O3'" 1 
ATOM   171 C "C2'" . DG  A 1 9  ? 5.545   12.538  10.720  1.00 54.54 ? 9  DG  A "C2'" 1 
ATOM   172 C "C1'" . DG  A 1 9  ? 4.895   11.956  9.482   1.00 50.84 ? 9  DG  A "C1'" 1 
ATOM   173 N N9    . DG  A 1 9  ? 4.850   10.493  9.420   1.00 49.14 ? 9  DG  A N9    1 
ATOM   174 C C8    . DG  A 1 9  ? 5.885   9.607   9.170   1.00 51.04 ? 9  DG  A C8    1 
ATOM   175 N N7    . DG  A 1 9  ? 5.494   8.352   9.168   1.00 50.39 ? 9  DG  A N7    1 
ATOM   176 C C5    . DG  A 1 9  ? 4.106   8.413   9.409   1.00 48.47 ? 9  DG  A C5    1 
ATOM   177 C C6    . DG  A 1 9  ? 3.108   7.385   9.513   1.00 48.93 ? 9  DG  A C6    1 
ATOM   178 O O6    . DG  A 1 9  ? 3.266   6.143   9.409   1.00 50.83 ? 9  DG  A O6    1 
ATOM   179 N N1    . DG  A 1 9  ? 1.820   7.891   9.767   1.00 44.48 ? 9  DG  A N1    1 
ATOM   180 C C2    . DG  A 1 9  ? 1.536   9.224   9.914   1.00 44.87 ? 9  DG  A C2    1 
ATOM   181 N N2    . DG  A 1 9  ? 0.256   9.542   10.163  1.00 46.51 ? 9  DG  A N2    1 
ATOM   182 N N3    . DG  A 1 9  ? 2.444   10.190  9.817   1.00 45.04 ? 9  DG  A N3    1 
ATOM   183 C C4    . DG  A 1 9  ? 3.703   9.724   9.566   1.00 46.80 ? 9  DG  A C4    1 
ATOM   184 P P     . DC  A 1 10 ? 5.526   15.510  10.936  1.00 61.17 ? 10 DC  A P     1 
ATOM   185 O OP1   . DC  A 1 10 ? 4.871   15.110  9.663   1.00 56.70 ? 10 DC  A OP1   1 
ATOM   186 O OP2   . DC  A 1 10 ? 5.830   16.954  11.086  1.00 58.42 ? 10 DC  A OP2   1 
ATOM   187 O "O5'" . DC  A 1 10 ? 4.689   15.056  12.251  1.00 56.89 ? 10 DC  A "O5'" 1 
ATOM   188 C "C5'" . DC  A 1 10 ? 3.467   15.780  12.618  1.00 56.07 ? 10 DC  A "C5'" 1 
ATOM   189 C "C4'" . DC  A 1 10 ? 2.370   14.844  13.113  1.00 50.92 ? 10 DC  A "C4'" 1 
ATOM   190 O "O4'" . DC  A 1 10 ? 2.854   13.502  12.951  1.00 50.06 ? 10 DC  A "O4'" 1 
ATOM   191 C "C3'" . DC  A 1 10 ? 2.005   14.877  14.598  1.00 50.47 ? 10 DC  A "C3'" 1 
ATOM   192 O "O3'" . DC  A 1 10 ? 0.801   15.594  14.766  1.00 52.14 ? 10 DC  A "O3'" 1 
ATOM   193 C "C2'" . DC  A 1 10 ? 1.822   13.399  14.987  1.00 51.95 ? 10 DC  A "C2'" 1 
ATOM   194 C "C1'" . DC  A 1 10 ? 1.955   12.686  13.649  1.00 50.40 ? 10 DC  A "C1'" 1 
ATOM   195 N N1    . DC  A 1 10 ? 2.654   11.405  13.577  1.00 46.82 ? 10 DC  A N1    1 
ATOM   196 C C2    . DC  A 1 10 ? 1.988   10.174  13.743  1.00 48.55 ? 10 DC  A C2    1 
ATOM   197 O O2    . DC  A 1 10 ? 0.766   10.142  14.014  1.00 50.02 ? 10 DC  A O2    1 
ATOM   198 N N3    . DC  A 1 10 ? 2.730   9.040   13.623  1.00 46.53 ? 10 DC  A N3    1 
ATOM   199 C C4    . DC  A 1 10 ? 4.044   9.124   13.343  1.00 47.19 ? 10 DC  A C4    1 
ATOM   200 N N4    . DC  A 1 10 ? 4.747   7.987   13.232  1.00 47.17 ? 10 DC  A N4    1 
ATOM   201 C C5    . DC  A 1 10 ? 4.710   10.374  13.155  1.00 45.88 ? 10 DC  A C5    1 
ATOM   202 C C6    . DC  A 1 10 ? 3.978   11.480  13.277  1.00 45.74 ? 10 DC  A C6    1 
ATOM   203 O "O5'" . DC  B 1 1  ? 9.411   7.017   -16.442 1.00 56.80 ? 1  DC  B "O5'" 1 
ATOM   204 C "C5'" . DC  B 1 1  ? 9.678   5.653   -15.911 1.00 61.51 ? 1  DC  B "C5'" 1 
ATOM   205 C "C4'" . DC  B 1 1  ? 8.495   4.778   -15.453 1.00 55.47 ? 1  DC  B "C4'" 1 
ATOM   206 O "O4'" . DC  B 1 1  ? 8.595   3.503   -16.160 1.00 53.67 ? 1  DC  B "O4'" 1 
ATOM   207 C "C3'" . DC  B 1 1  ? 8.520   4.443   -13.952 1.00 53.48 ? 1  DC  B "C3'" 1 
ATOM   208 O "O3'" . DC  B 1 1  ? 7.266   4.239   -13.146 1.00 54.79 ? 1  DC  B "O3'" 1 
ATOM   209 C "C2'" . DC  B 1 1  ? 9.319   3.146   -14.014 1.00 53.62 ? 1  DC  B "C2'" 1 
ATOM   210 C "C1'" . DC  B 1 1  ? 8.571   2.489   -15.177 1.00 53.75 ? 1  DC  B "C1'" 1 
ATOM   211 N N1    . DC  B 1 1  ? 9.088   1.084   -15.560 1.00 50.50 ? 1  DC  B N1    1 
ATOM   212 C C2    . DC  B 1 1  ? 8.335   0.200   -16.364 1.00 48.85 ? 1  DC  B C2    1 
ATOM   213 O O2    . DC  B 1 1  ? 7.241   0.562   -16.827 1.00 52.84 ? 1  DC  B O2    1 
ATOM   214 N N3    . DC  B 1 1  ? 8.823   -1.040  -16.636 1.00 46.24 ? 1  DC  B N3    1 
ATOM   215 C C4    . DC  B 1 1  ? 10.005  -1.425  -16.123 1.00 49.42 ? 1  DC  B C4    1 
ATOM   216 N N4    . DC  B 1 1  ? 10.470  -2.662  -16.391 1.00 46.35 ? 1  DC  B N4    1 
ATOM   217 C C5    . DC  B 1 1  ? 10.775  -0.547  -15.290 1.00 50.19 ? 1  DC  B C5    1 
ATOM   218 C C6    . DC  B 1 1  ? 10.283  0.670   -15.036 1.00 50.06 ? 1  DC  B C6    1 
ATOM   219 P P     . DG  B 1 2  ? 5.670   4.519   -13.433 1.00 56.88 ? 2  DG  B P     1 
ATOM   220 O OP1   . DG  B 1 2  ? 5.242   5.953   -13.425 1.00 57.32 ? 2  DG  B OP1   1 
ATOM   221 O OP2   . DG  B 1 2  ? 5.073   3.620   -12.429 1.00 57.86 ? 2  DG  B OP2   1 
ATOM   222 O "O5'" . DG  B 1 2  ? 5.254   3.849   -14.805 1.00 51.83 ? 2  DG  B "O5'" 1 
ATOM   223 C "C5'" . DG  B 1 2  ? 3.861   3.977   -15.066 1.00 55.94 ? 2  DG  B "C5'" 1 
ATOM   224 C "C4'" . DG  B 1 2  ? 3.119   2.654   -14.982 1.00 55.63 ? 2  DG  B "C4'" 1 
ATOM   225 O "O4'" . DG  B 1 2  ? 4.063   1.553   -15.075 1.00 58.80 ? 2  DG  B "O4'" 1 
ATOM   226 C "C3'" . DG  B 1 2  ? 2.293   2.416   -13.709 1.00 54.72 ? 2  DG  B "C3'" 1 
ATOM   227 O "O3'" . DG  B 1 2  ? 0.994   1.845   -14.088 1.00 56.12 ? 2  DG  B "O3'" 1 
ATOM   228 C "C2'" . DG  B 1 2  ? 3.169   1.467   -12.881 1.00 52.94 ? 2  DG  B "C2'" 1 
ATOM   229 C "C1'" . DG  B 1 2  ? 3.829   0.633   -13.991 1.00 55.45 ? 2  DG  B "C1'" 1 
ATOM   230 N N9    . DG  B 1 2  ? 5.089   -0.092  -13.701 1.00 51.01 ? 2  DG  B N9    1 
ATOM   231 C C8    . DG  B 1 2  ? 6.174   0.307   -12.927 1.00 51.46 ? 2  DG  B C8    1 
ATOM   232 N N7    . DG  B 1 2  ? 7.165   -0.563  -12.875 1.00 49.57 ? 2  DG  B N7    1 
ATOM   233 C C5    . DG  B 1 2  ? 6.719   -1.617  -13.685 1.00 48.61 ? 2  DG  B C5    1 
ATOM   234 C C6    . DG  B 1 2  ? 7.359   -2.846  -14.027 1.00 46.54 ? 2  DG  B C6    1 
ATOM   235 O O6    . DG  B 1 2  ? 8.482   -3.257  -13.688 1.00 47.48 ? 2  DG  B O6    1 
ATOM   236 N N1    . DG  B 1 2  ? 6.570   -3.642  -14.861 1.00 45.20 ? 2  DG  B N1    1 
ATOM   237 C C2    . DG  B 1 2  ? 5.314   -3.279  -15.310 1.00 48.55 ? 2  DG  B C2    1 
ATOM   238 N N2    . DG  B 1 2  ? 4.701   -4.182  -16.088 1.00 47.15 ? 2  DG  B N2    1 
ATOM   239 N N3    . DG  B 1 2  ? 4.692   -2.121  -15.021 1.00 51.03 ? 2  DG  B N3    1 
ATOM   240 C C4    . DG  B 1 2  ? 5.452   -1.339  -14.198 1.00 50.33 ? 2  DG  B C4    1 
ATOM   241 P P     . DG  B 1 3  ? -0.100  1.292   -13.015 1.00 55.27 ? 3  DG  B P     1 
ATOM   242 O OP1   . DG  B 1 3  ? -1.495  1.587   -13.451 1.00 50.65 ? 3  DG  B OP1   1 
ATOM   243 O OP2   . DG  B 1 3  ? 0.421   1.673   -11.652 1.00 52.81 ? 3  DG  B OP2   1 
ATOM   244 O "O5'" . DG  B 1 3  ? -0.043  -0.290  -13.251 1.00 55.76 ? 3  DG  B "O5'" 1 
ATOM   245 C "C5'" . DG  B 1 3  ? -0.598  -0.742  -14.479 1.00 57.68 ? 3  DG  B "C5'" 1 
ATOM   246 C "C4'" . DG  B 1 3  ? -0.744  -2.263  -14.614 1.00 58.81 ? 3  DG  B "C4'" 1 
ATOM   247 O "O4'" . DG  B 1 3  ? 0.542   -2.935  -14.661 1.00 55.97 ? 3  DG  B "O4'" 1 
ATOM   248 C "C3'" . DG  B 1 3  ? -1.585  -2.944  -13.532 1.00 57.67 ? 3  DG  B "C3'" 1 
ATOM   249 O "O3'" . DG  B 1 3  ? -2.435  -3.943  -14.127 1.00 60.81 ? 3  DG  B "O3'" 1 
ATOM   250 C "C2'" . DG  B 1 3  ? -0.548  -3.561  -12.607 1.00 53.60 ? 3  DG  B "C2'" 1 
ATOM   251 C "C1'" . DG  B 1 3  ? 0.675   -3.742  -13.505 1.00 52.91 ? 3  DG  B "C1'" 1 
ATOM   252 N N9    . DG  B 1 3  ? 1.902   -3.370  -12.814 1.00 50.09 ? 3  DG  B N9    1 
ATOM   253 C C8    . DG  B 1 3  ? 2.234   -2.176  -12.196 1.00 50.15 ? 3  DG  B C8    1 
ATOM   254 N N7    . DG  B 1 3  ? 3.428   -2.187  -11.647 1.00 49.75 ? 3  DG  B N7    1 
ATOM   255 C C5    . DG  B 1 3  ? 3.907   -3.481  -11.945 1.00 48.33 ? 3  DG  B C5    1 
ATOM   256 C C6    . DG  B 1 3  ? 5.144   -4.107  -11.629 1.00 44.45 ? 3  DG  B C6    1 
ATOM   257 O O6    . DG  B 1 3  ? 6.102   -3.596  -10.999 1.00 43.21 ? 3  DG  B O6    1 
ATOM   258 N N1    . DG  B 1 3  ? 5.189   -5.424  -12.120 1.00 42.01 ? 3  DG  B N1    1 
ATOM   259 C C2    . DG  B 1 3  ? 4.181   -6.077  -12.821 1.00 43.33 ? 3  DG  B C2    1 
ATOM   260 N N2    . DG  B 1 3  ? 4.385   -7.357  -13.220 1.00 40.55 ? 3  DG  B N2    1 
ATOM   261 N N3    . DG  B 1 3  ? 3.027   -5.491  -13.121 1.00 44.87 ? 3  DG  B N3    1 
ATOM   262 C C4    . DG  B 1 3  ? 2.972   -4.218  -12.653 1.00 47.10 ? 3  DG  B C4    1 
ATOM   263 P P     . DC  B 1 4  ? -3.586  -4.649  -13.239 1.00 66.62 ? 4  DC  B P     1 
ATOM   264 O OP1   . DC  B 1 4  ? -4.608  -5.000  -14.277 1.00 63.11 ? 4  DC  B OP1   1 
ATOM   265 O OP2   . DC  B 1 4  ? -3.922  -3.808  -12.036 1.00 59.28 ? 4  DC  B OP2   1 
ATOM   266 O "O5'" . DC  B 1 4  ? -2.875  -6.033  -12.805 1.00 55.59 ? 4  DC  B "O5'" 1 
ATOM   267 C "C5'" . DC  B 1 4  ? -2.764  -6.920  -13.917 1.00 57.27 ? 4  DC  B "C5'" 1 
ATOM   268 C "C4'" . DC  B 1 4  ? -2.190  -8.278  -13.565 1.00 59.50 ? 4  DC  B "C4'" 1 
ATOM   269 O "O4'" . DC  B 1 4  ? -0.805  -8.137  -13.146 1.00 56.11 ? 4  DC  B "O4'" 1 
ATOM   270 C "C3'" . DC  B 1 4  ? -2.916  -8.991  -12.439 1.00 58.24 ? 4  DC  B "C3'" 1 
ATOM   271 O "O3'" . DC  B 1 4  ? -2.825  -10.403 -12.605 1.00 57.46 ? 4  DC  B "O3'" 1 
ATOM   272 C "C2'" . DC  B 1 4  ? -2.160  -8.479  -11.225 1.00 53.19 ? 4  DC  B "C2'" 1 
ATOM   273 C "C1'" . DC  B 1 4  ? -0.736  -8.385  -11.779 1.00 53.22 ? 4  DC  B "C1'" 1 
ATOM   274 N N1    . DC  B 1 4  ? -0.042  -7.298  -11.062 1.00 52.00 ? 4  DC  B N1    1 
ATOM   275 C C2    . DC  B 1 4  ? 1.316   -7.458  -10.660 1.00 50.40 ? 4  DC  B C2    1 
ATOM   276 O O2    . DC  B 1 4  ? 1.929   -8.523  -10.991 1.00 51.13 ? 4  DC  B O2    1 
ATOM   277 N N3    . DC  B 1 4  ? 1.897   -6.434  -9.932  1.00 45.10 ? 4  DC  B N3    1 
ATOM   278 C C4    . DC  B 1 4  ? 1.159   -5.342  -9.629  1.00 46.92 ? 4  DC  B C4    1 
ATOM   279 N N4    . DC  B 1 4  ? 1.712   -4.332  -8.936  1.00 45.39 ? 4  DC  B N4    1 
ATOM   280 C C5    . DC  B 1 4  ? -0.209  -5.211  -10.031 1.00 50.23 ? 4  DC  B C5    1 
ATOM   281 C C6    . DC  B 1 4  ? -0.778  -6.201  -10.730 1.00 50.20 ? 4  DC  B C6    1 
ATOM   282 P P     . DG  B 1 5  ? -3.520  -11.255 -11.432 1.00 65.05 ? 5  DG  B P     1 
ATOM   283 O OP1   . DG  B 1 5  ? -4.420  -12.340 -11.966 1.00 63.09 ? 5  DG  B OP1   1 
ATOM   284 O OP2   . DG  B 1 5  ? -3.996  -10.175 -10.518 1.00 51.75 ? 5  DG  B OP2   1 
ATOM   285 O "O5'" . DG  B 1 5  ? -2.264  -11.985 -10.754 1.00 59.73 ? 5  DG  B "O5'" 1 
ATOM   286 C "C5'" . DG  B 1 5  ? -1.413  -12.876 -11.509 1.00 55.83 ? 5  DG  B "C5'" 1 
ATOM   287 C "C4'" . DG  B 1 5  ? -0.361  -13.370 -10.525 1.00 53.40 ? 5  DG  B "C4'" 1 
ATOM   288 O "O4'" . DG  B 1 5  ? 0.414   -12.226 -10.056 1.00 51.73 ? 5  DG  B "O4'" 1 
ATOM   289 C "C3'" . DG  B 1 5  ? -0.974  -14.050 -9.286  1.00 55.99 ? 5  DG  B "C3'" 1 
ATOM   290 O "O3'" . DG  B 1 5  ? -0.467  -15.408 -9.051  1.00 57.64 ? 5  DG  B "O3'" 1 
ATOM   291 C "C2'" . DG  B 1 5  ? -0.721  -13.088 -8.123  1.00 50.69 ? 5  DG  B "C2'" 1 
ATOM   292 C "C1'" . DG  B 1 5  ? 0.411   -12.179 -8.630  1.00 52.07 ? 5  DG  B "C1'" 1 
ATOM   293 N N9    . DG  B 1 5  ? 0.316   -10.779 -8.165  1.00 49.64 ? 5  DG  B N9    1 
ATOM   294 C C8    . DG  B 1 5  ? -0.769  -9.942  -8.301  1.00 48.58 ? 5  DG  B C8    1 
ATOM   295 N N7    . DG  B 1 5  ? -0.577  -8.750  -7.786  1.00 46.45 ? 5  DG  B N7    1 
ATOM   296 C C5    . DG  B 1 5  ? 0.707   -8.786  -7.275  1.00 42.63 ? 5  DG  B C5    1 
ATOM   297 C C6    . DG  B 1 5  ? 1.415   -7.760  -6.624  1.00 41.32 ? 5  DG  B C6    1 
ATOM   298 O O6    . DG  B 1 5  ? 1.031   -6.589  -6.359  1.00 42.46 ? 5  DG  B O6    1 
ATOM   299 N N1    . DG  B 1 5  ? 2.687   -8.208  -6.294  1.00 39.51 ? 5  DG  B N1    1 
ATOM   300 C C2    . DG  B 1 5  ? 3.195   -9.470  -6.536  1.00 42.21 ? 5  DG  B C2    1 
ATOM   301 N N2    . DG  B 1 5  ? 4.445   -9.702  -6.094  1.00 42.33 ? 5  DG  B N2    1 
ATOM   302 N N3    . DG  B 1 5  ? 2.536   -10.450 -7.140  1.00 42.82 ? 5  DG  B N3    1 
ATOM   303 C C4    . DG  B 1 5  ? 1.286   -10.026 -7.492  1.00 45.62 ? 5  DG  B C4    1 
ATOM   304 P P     . DG  B 1 6  ? -1.120  -16.288 -7.865  1.00 50.80 ? 6  DG  B P     1 
ATOM   305 O OP1   . DG  B 1 6  ? -1.140  -17.777 -8.003  1.00 47.26 ? 6  DG  B OP1   1 
ATOM   306 O OP2   . DG  B 1 6  ? -2.388  -15.525 -7.637  1.00 54.89 ? 6  DG  B OP2   1 
ATOM   307 O "O5'" . DG  B 1 6  ? -0.094  -15.936 -6.685  1.00 51.46 ? 6  DG  B "O5'" 1 
ATOM   308 C "C5'" . DG  B 1 6  ? 1.248   -15.503 -6.924  1.00 48.22 ? 6  DG  B "C5'" 1 
ATOM   309 C "C4'" . DG  B 1 6  ? 1.850   -15.066 -5.599  1.00 50.16 ? 6  DG  B "C4'" 1 
ATOM   310 O "O4'" . DG  B 1 6  ? 1.733   -13.622 -5.388  1.00 50.55 ? 6  DG  B "O4'" 1 
ATOM   311 C "C3'" . DG  B 1 6  ? 1.152   -15.691 -4.398  1.00 49.50 ? 6  DG  B "C3'" 1 
ATOM   312 O "O3'" . DG  B 1 6  ? 2.068   -15.697 -3.357  1.00 51.64 ? 6  DG  B "O3'" 1 
ATOM   313 C "C2'" . DG  B 1 6  ? 0.116   -14.607 -4.080  1.00 49.09 ? 6  DG  B "C2'" 1 
ATOM   314 C "C1'" . DG  B 1 6  ? 1.011   -13.365 -4.171  1.00 49.38 ? 6  DG  B "C1'" 1 
ATOM   315 N N9    . DG  B 1 6  ? 0.337   -12.039 -4.212  1.00 45.06 ? 6  DG  B N9    1 
ATOM   316 C C8    . DG  B 1 6  ? -0.923  -11.803 -4.696  1.00 43.73 ? 6  DG  B C8    1 
ATOM   317 N N7    . DG  B 1 6  ? -1.282  -10.545 -4.642  1.00 45.68 ? 6  DG  B N7    1 
ATOM   318 C C5    . DG  B 1 6  ? -0.197  -9.888  -4.060  1.00 43.93 ? 6  DG  B C5    1 
ATOM   319 C C6    . DG  B 1 6  ? -0.029  -8.499  -3.760  1.00 46.55 ? 6  DG  B C6    1 
ATOM   320 O O6    . DG  B 1 6  ? -0.843  -7.531  -3.948  1.00 45.57 ? 6  DG  B O6    1 
ATOM   321 N N1    . DG  B 1 6  ? 1.236   -8.289  -3.181  1.00 41.96 ? 6  DG  B N1    1 
ATOM   322 C C2    . DG  B 1 6  ? 2.187   -9.242  -2.946  1.00 39.79 ? 6  DG  B C2    1 
ATOM   323 N N2    . DG  B 1 6  ? 3.337   -8.821  -2.388  1.00 39.72 ? 6  DG  B N2    1 
ATOM   324 N N3    . DG  B 1 6  ? 2.021   -10.518 -3.231  1.00 42.12 ? 6  DG  B N3    1 
ATOM   325 C C4    . DG  B 1 6  ? 0.811   -10.785 -3.787  1.00 42.61 ? 6  DG  B C4    1 
ATOM   326 P P     . DC  B 1 7  ? 2.725   -17.012 -2.709  1.00 60.64 ? 7  DC  B P     1 
ATOM   327 O OP1   . DC  B 1 7  ? 3.606   -17.605 -3.771  1.00 56.43 ? 7  DC  B OP1   1 
ATOM   328 O OP2   . DC  B 1 7  ? 1.724   -17.816 -1.943  1.00 53.86 ? 7  DC  B OP2   1 
ATOM   329 O "O5'" . DC  B 1 7  ? 3.622   -16.298 -1.576  1.00 52.93 ? 7  DC  B "O5'" 1 
ATOM   330 C "C5'" . DC  B 1 7  ? 4.830   -15.648 -1.941  1.00 52.49 ? 7  DC  B "C5'" 1 
ATOM   331 C "C4'" . DC  B 1 7  ? 5.041   -14.588 -0.901  1.00 49.97 ? 7  DC  B "C4'" 1 
ATOM   332 O "O4'" . DC  B 1 7  ? 3.969   -13.627 -0.952  1.00 49.82 ? 7  DC  B "O4'" 1 
ATOM   333 C "C3'" . DC  B 1 7  ? 4.945   -15.129 0.497   1.00 51.05 ? 7  DC  B "C3'" 1 
ATOM   334 O "O3'" . DC  B 1 7  ? 6.053   -14.531 1.121   1.00 52.93 ? 7  DC  B "O3'" 1 
ATOM   335 C "C2'" . DC  B 1 7  ? 3.579   -14.617 1.004   1.00 49.16 ? 7  DC  B "C2'" 1 
ATOM   336 C "C1'" . DC  B 1 7  ? 3.605   -13.251 0.353   1.00 48.23 ? 7  DC  B "C1'" 1 
ATOM   337 N N1    . DC  B 1 7  ? 2.374   -12.445 0.121   1.00 45.44 ? 7  DC  B N1    1 
ATOM   338 C C2    . DC  B 1 7  ? 2.363   -11.096 0.530   1.00 44.57 ? 7  DC  B C2    1 
ATOM   339 O O2    . DC  B 1 7  ? 3.353   -10.626 1.132   1.00 45.18 ? 7  DC  B O2    1 
ATOM   340 N N3    . DC  B 1 7  ? 1.247   -10.349 0.277   1.00 44.23 ? 7  DC  B N3    1 
ATOM   341 C C4    . DC  B 1 7  ? 0.203   -10.893 -0.381  1.00 46.19 ? 7  DC  B C4    1 
ATOM   342 N N4    . DC  B 1 7  ? -0.875  -10.115 -0.635  1.00 43.48 ? 7  DC  B N4    1 
ATOM   343 C C5    . DC  B 1 7  ? 0.227   -12.268 -0.814  1.00 44.73 ? 7  DC  B C5    1 
ATOM   344 C C6    . DC  B 1 7  ? 1.320   -12.990 -0.560  1.00 44.81 ? 7  DC  B C6    1 
ATOM   345 P P     . DC  B 1 8  ? 6.883   -15.385 2.197   1.00 66.15 ? 8  DC  B P     1 
ATOM   346 O OP1   . DC  B 1 8  ? 7.997   -14.520 2.688   1.00 61.33 ? 8  DC  B OP1   1 
ATOM   347 O OP2   . DC  B 1 8  ? 7.158   -16.712 1.562   1.00 60.55 ? 8  DC  B OP2   1 
ATOM   348 O "O5'" . DC  B 1 8  ? 5.806   -15.564 3.392   1.00 57.01 ? 8  DC  B "O5'" 1 
ATOM   349 C "C5'" . DC  B 1 8  ? 4.941   -14.473 3.745   1.00 51.91 ? 8  DC  B "C5'" 1 
ATOM   350 C "C4'" . DC  B 1 8  ? 5.677   -13.288 4.330   1.00 51.70 ? 8  DC  B "C4'" 1 
ATOM   351 O "O4'" . DC  B 1 8  ? 4.894   -12.099 4.083   1.00 49.73 ? 8  DC  B "O4'" 1 
ATOM   352 C "C3'" . DC  B 1 8  ? 5.688   -13.343 5.845   1.00 52.78 ? 8  DC  B "C3'" 1 
ATOM   353 O "O3'" . DC  B 1 8  ? 6.337   -12.199 6.401   1.00 53.97 ? 8  DC  B "O3'" 1 
ATOM   354 C "C2'" . DC  B 1 8  ? 4.191   -13.222 6.050   1.00 52.01 ? 8  DC  B "C2'" 1 
ATOM   355 C "C1'" . DC  B 1 8  ? 3.881   -12.067 5.087   1.00 50.25 ? 8  DC  B "C1'" 1 
ATOM   356 N N1    . DC  B 1 8  ? 2.571   -12.205 4.400   1.00 44.52 ? 8  DC  B N1    1 
ATOM   357 C C2    . DC  B 1 8  ? 1.763   -11.083 4.170   1.00 45.00 ? 8  DC  B C2    1 
ATOM   358 O O2    . DC  B 1 8  ? 2.152   -9.958  4.552   1.00 43.91 ? 8  DC  B O2    1 
ATOM   359 N N3    . DC  B 1 8  ? 0.576   -11.275 3.529   1.00 45.64 ? 8  DC  B N3    1 
ATOM   360 C C4    . DC  B 1 8  ? 0.215   -12.501 3.126   1.00 45.13 ? 8  DC  B C4    1 
ATOM   361 N N4    . DC  B 1 8  ? -0.947  -12.666 2.489   1.00 45.57 ? 8  DC  B N4    1 
ATOM   362 C C5    . DC  B 1 8  ? 1.029   -13.638 3.356   1.00 45.59 ? 8  DC  B C5    1 
ATOM   363 C C6    . DC  B 1 8  ? 2.184   -13.445 3.992   1.00 45.95 ? 8  DC  B C6    1 
ATOM   364 P P     . DG  B 1 9  ? 6.987   -12.316 7.884   1.00 64.84 ? 9  DG  B P     1 
ATOM   365 O OP1   . DG  B 1 9  ? 8.452   -12.082 7.679   1.00 59.60 ? 9  DG  B OP1   1 
ATOM   366 O OP2   . DG  B 1 9  ? 6.515   -13.572 8.537   1.00 54.74 ? 9  DG  B OP2   1 
ATOM   367 O "O5'" . DG  B 1 9  ? 6.304   -11.078 8.674   1.00 59.71 ? 9  DG  B "O5'" 1 
ATOM   368 C "C5'" . DG  B 1 9  ? 5.733   -9.915  7.974   1.00 58.02 ? 9  DG  B "C5'" 1 
ATOM   369 C "C4'" . DG  B 1 9  ? 4.822   -9.073  8.869   1.00 55.64 ? 9  DG  B "C4'" 1 
ATOM   370 O "O4'" . DG  B 1 9  ? 3.420   -9.222  8.482   1.00 51.85 ? 9  DG  B "O4'" 1 
ATOM   371 C "C3'" . DG  B 1 9  ? 4.776   -9.561  10.302  1.00 56.43 ? 9  DG  B "C3'" 1 
ATOM   372 O "O3'" . DG  B 1 9  ? 3.815   -8.782  10.936  1.00 59.97 ? 9  DG  B "O3'" 1 
ATOM   373 C "C2'" . DG  B 1 9  ? 4.091   -10.889 10.048  1.00 54.78 ? 9  DG  B "C2'" 1 
ATOM   374 C "C1'" . DG  B 1 9  ? 2.917   -10.275 9.297   1.00 51.21 ? 9  DG  B "C1'" 1 
ATOM   375 N N9    . DG  B 1 9  ? 2.223   -11.251 8.499   1.00 47.65 ? 9  DG  B N9    1 
ATOM   376 C C8    . DG  B 1 9  ? 2.528   -12.571 8.292   1.00 47.31 ? 9  DG  B C8    1 
ATOM   377 N N7    . DG  B 1 9  ? 1.648   -13.148 7.517   1.00 45.28 ? 9  DG  B N7    1 
ATOM   378 C C5    . DG  B 1 9  ? 0.720   -12.144 7.215   1.00 45.32 ? 9  DG  B C5    1 
ATOM   379 C C6    . DG  B 1 9  ? -0.466  -12.141 6.426   1.00 48.20 ? 9  DG  B C6    1 
ATOM   380 O O6    . DG  B 1 9  ? -1.004  -13.058 5.780   1.00 50.06 ? 9  DG  B O6    1 
ATOM   381 N N1    . DG  B 1 9  ? -1.095  -10.900 6.418   1.00 46.22 ? 9  DG  B N1    1 
ATOM   382 C C2    . DG  B 1 9  ? -0.642  -9.791  7.085   1.00 46.76 ? 9  DG  B C2    1 
ATOM   383 N N2    . DG  B 1 9  ? -1.410  -8.696  6.941   1.00 48.11 ? 9  DG  B N2    1 
ATOM   384 N N3    . DG  B 1 9  ? 0.469   -9.760  7.820   1.00 46.55 ? 9  DG  B N3    1 
ATOM   385 C C4    . DG  B 1 9  ? 1.076   -10.972 7.827   1.00 46.45 ? 9  DG  B C4    1 
ATOM   386 P P     . DC  B 1 10 ? 4.208   -7.818  12.154  1.00 67.20 ? 10 DC  B P     1 
ATOM   387 O OP1   . DC  B 1 10 ? 5.575   -7.321  11.775  1.00 61.93 ? 10 DC  B OP1   1 
ATOM   388 O OP2   . DC  B 1 10 ? 3.938   -8.566  13.412  1.00 57.40 ? 10 DC  B OP2   1 
ATOM   389 O "O5'" . DC  B 1 10 ? 3.079   -6.659  12.082  1.00 58.44 ? 10 DC  B "O5'" 1 
ATOM   390 C "C5'" . DC  B 1 10 ? 2.026   -6.801  13.044  1.00 57.41 ? 10 DC  B "C5'" 1 
ATOM   391 C "C4'" . DC  B 1 10 ? 0.614   -6.488  12.547  1.00 60.31 ? 10 DC  B "C4'" 1 
ATOM   392 O "O4'" . DC  B 1 10 ? 0.347   -7.019  11.212  1.00 55.83 ? 10 DC  B "O4'" 1 
ATOM   393 C "C3'" . DC  B 1 10 ? -0.471  -7.063  13.482  1.00 58.18 ? 10 DC  B "C3'" 1 
ATOM   394 O "O3'" . DC  B 1 10 ? -0.946  -6.090  14.441  1.00 60.35 ? 10 DC  B "O3'" 1 
ATOM   395 C "C2'" . DC  B 1 10 ? -1.608  -7.473  12.550  1.00 58.05 ? 10 DC  B "C2'" 1 
ATOM   396 C "C1'" . DC  B 1 10 ? -0.855  -7.808  11.266  1.00 56.44 ? 10 DC  B "C1'" 1 
ATOM   397 N N1    . DC  B 1 10 ? -0.577  -9.288  11.130  1.00 51.38 ? 10 DC  B N1    1 
ATOM   398 C C2    . DC  B 1 10 ? -1.458  -10.048 10.350  1.00 50.14 ? 10 DC  B C2    1 
ATOM   399 O O2    . DC  B 1 10 ? -2.416  -9.451  9.837   1.00 50.79 ? 10 DC  B O2    1 
ATOM   400 N N3    . DC  B 1 10 ? -1.249  -11.385 10.170  1.00 48.13 ? 10 DC  B N3    1 
ATOM   401 C C4    . DC  B 1 10 ? -0.190  -11.948 10.754  1.00 48.23 ? 10 DC  B C4    1 
ATOM   402 N N4    . DC  B 1 10 ? 0.008   -13.258 10.572  1.00 48.46 ? 10 DC  B N4    1 
ATOM   403 C C5    . DC  B 1 10 ? 0.716   -11.185 11.562  1.00 51.62 ? 10 DC  B C5    1 
ATOM   404 C C6    . DC  B 1 10 ? 0.496   -9.871  11.733  1.00 52.67 ? 10 DC  B C6    1 
ATOM   405 O "O5'" . DC  C 1 1  ? -8.523  21.595  -13.289 1.00 50.63 ? 1  DC  C "O5'" 1 
ATOM   406 C "C5'" . DC  C 1 1  ? -9.859  21.469  -13.805 1.00 52.08 ? 1  DC  C "C5'" 1 
ATOM   407 C "C4'" . DC  C 1 1  ? -10.250 20.001  -13.854 1.00 53.38 ? 1  DC  C "C4'" 1 
ATOM   408 O "O4'" . DC  C 1 1  ? -9.436  19.246  -14.783 1.00 53.24 ? 1  DC  C "O4'" 1 
ATOM   409 C "C3'" . DC  C 1 1  ? -10.000 19.289  -12.546 1.00 54.26 ? 1  DC  C "C3'" 1 
ATOM   410 O "O3'" . DC  C 1 1  ? -11.144 19.527  -11.805 1.00 57.34 ? 1  DC  C "O3'" 1 
ATOM   411 C "C2'" . DC  C 1 1  ? -9.876  17.816  -12.929 1.00 53.53 ? 1  DC  C "C2'" 1 
ATOM   412 C "C1'" . DC  C 1 1  ? -9.355  17.902  -14.360 1.00 50.66 ? 1  DC  C "C1'" 1 
ATOM   413 N N1    . DC  C 1 1  ? -7.951  17.490  -14.597 1.00 48.65 ? 1  DC  C N1    1 
ATOM   414 C C2    . DC  C 1 1  ? -7.724  16.167  -14.943 1.00 48.08 ? 1  DC  C C2    1 
ATOM   415 O O2    . DC  C 1 1  ? -8.709  15.417  -14.987 1.00 51.00 ? 1  DC  C O2    1 
ATOM   416 N N3    . DC  C 1 1  ? -6.461  15.738  -15.201 1.00 46.36 ? 1  DC  C N3    1 
ATOM   417 C C4    . DC  C 1 1  ? -5.439  16.580  -15.137 1.00 45.74 ? 1  DC  C C4    1 
ATOM   418 N N4    . DC  C 1 1  ? -4.221  16.079  -15.414 1.00 45.93 ? 1  DC  C N4    1 
ATOM   419 C C5    . DC  C 1 1  ? -5.650  17.951  -14.782 1.00 47.95 ? 1  DC  C C5    1 
ATOM   420 C C6    . DC  C 1 1  ? -6.907  18.368  -14.529 1.00 50.01 ? 1  DC  C C6    1 
ATOM   421 P P     . DG  C 1 2  ? -11.236 19.103  -10.265 1.00 63.36 ? 2  DG  C P     1 
ATOM   422 O OP1   . DG  C 1 2  ? -12.513 19.697  -9.789  1.00 67.38 ? 2  DG  C OP1   1 
ATOM   423 O OP2   . DG  C 1 2  ? -9.957  19.407  -9.552  1.00 58.40 ? 2  DG  C OP2   1 
ATOM   424 O "O5'" . DG  C 1 2  ? -11.456 17.506  -10.340 1.00 64.65 ? 2  DG  C "O5'" 1 
ATOM   425 C "C5'" . DG  C 1 2  ? -12.690 16.865  -9.945  1.00 60.63 ? 2  DG  C "C5'" 1 
ATOM   426 C "C4'" . DG  C 1 2  ? -12.487 15.365  -10.049 1.00 59.99 ? 2  DG  C "C4'" 1 
ATOM   427 O "O4'" . DG  C 1 2  ? -11.408 15.137  -11.006 1.00 61.08 ? 2  DG  C "O4'" 1 
ATOM   428 C "C3'" . DG  C 1 2  ? -12.072 14.692  -8.734  1.00 62.06 ? 2  DG  C "C3'" 1 
ATOM   429 O "O3'" . DG  C 1 2  ? -12.830 13.486  -8.432  1.00 62.92 ? 2  DG  C "O3'" 1 
ATOM   430 C "C2'" . DG  C 1 2  ? -10.574 14.412  -8.898  1.00 58.13 ? 2  DG  C "C2'" 1 
ATOM   431 C "C1'" . DG  C 1 2  ? -10.414 14.307  -10.414 1.00 57.95 ? 2  DG  C "C1'" 1 
ATOM   432 N N9    . DG  C 1 2  ? -9.057  14.668  -10.851 1.00 53.77 ? 2  DG  C N9    1 
ATOM   433 C C8    . DG  C 1 2  ? -8.482  15.920  -10.808 1.00 52.16 ? 2  DG  C C8    1 
ATOM   434 N N7    . DG  C 1 2  ? -7.254  15.932  -11.242 1.00 49.97 ? 2  DG  C N7    1 
ATOM   435 C C5    . DG  C 1 2  ? -6.996  14.600  -11.594 1.00 48.28 ? 2  DG  C C5    1 
ATOM   436 C C6    . DG  C 1 2  ? -5.818  14.005  -12.135 1.00 48.65 ? 2  DG  C C6    1 
ATOM   437 O O6    . DG  C 1 2  ? -4.761  14.614  -12.412 1.00 49.07 ? 2  DG  C O6    1 
ATOM   438 N N1    . DG  C 1 2  ? -5.945  12.608  -12.351 1.00 45.62 ? 2  DG  C N1    1 
ATOM   439 C C2    . DG  C 1 2  ? -7.095  11.887  -12.068 1.00 45.49 ? 2  DG  C C2    1 
ATOM   440 N N2    . DG  C 1 2  ? -7.068  10.560  -12.321 1.00 44.00 ? 2  DG  C N2    1 
ATOM   441 N N3    . DG  C 1 2  ? -8.204  12.445  -11.566 1.00 46.29 ? 2  DG  C N3    1 
ATOM   442 C C4    . DG  C 1 2  ? -8.090  13.798  -11.355 1.00 49.10 ? 2  DG  C C4    1 
ATOM   443 P P     . DG  C 1 3  ? -12.768 12.844  -6.948  1.00 66.54 ? 3  DG  C P     1 
ATOM   444 O OP1   . DG  C 1 3  ? -14.136 12.922  -6.334  1.00 59.87 ? 3  DG  C OP1   1 
ATOM   445 O OP2   . DG  C 1 3  ? -11.634 13.460  -6.186  1.00 59.82 ? 3  DG  C OP2   1 
ATOM   446 O "O5'" . DG  C 1 3  ? -12.354 11.324  -7.336  1.00 58.80 ? 3  DG  C "O5'" 1 
ATOM   447 C "C5'" . DG  C 1 3  ? -11.776 11.031  -8.620  1.00 55.62 ? 3  DG  C "C5'" 1 
ATOM   448 C "C4'" . DG  C 1 3  ? -11.338 9.576   -8.725  1.00 55.89 ? 3  DG  C "C4'" 1 
ATOM   449 O "O4'" . DG  C 1 3  ? -9.948  9.506   -9.166  1.00 56.80 ? 3  DG  C "O4'" 1 
ATOM   450 C "C3'" . DG  C 1 3  ? -11.288 8.800   -7.412  1.00 55.19 ? 3  DG  C "C3'" 1 
ATOM   451 O "O3'" . DG  C 1 3  ? -11.206 7.332   -7.653  1.00 59.28 ? 3  DG  C "O3'" 1 
ATOM   452 C "C2'" . DG  C 1 3  ? -10.037 9.458   -6.811  1.00 53.33 ? 3  DG  C "C2'" 1 
ATOM   453 C "C1'" . DG  C 1 3  ? -9.098  9.500   -8.015  1.00 49.26 ? 3  DG  C "C1'" 1 
ATOM   454 N N9    . DG  C 1 3  ? -8.189  10.648  -8.121  1.00 46.25 ? 3  DG  C N9    1 
ATOM   455 C C8    . DG  C 1 3  ? -8.386  11.990  -7.802  1.00 46.72 ? 3  DG  C C8    1 
ATOM   456 N N7    . DG  C 1 3  ? -7.340  12.733  -8.084  1.00 43.33 ? 3  DG  C N7    1 
ATOM   457 C C5    . DG  C 1 3  ? -6.414  11.814  -8.624  1.00 43.29 ? 3  DG  C C5    1 
ATOM   458 C C6    . DG  C 1 3  ? -5.089  11.978  -9.119  1.00 43.74 ? 3  DG  C C6    1 
ATOM   459 O O6    . DG  C 1 3  ? -4.435  13.022  -9.188  1.00 45.95 ? 3  DG  C O6    1 
ATOM   460 N N1    . DG  C 1 3  ? -4.496  10.801  -9.574  1.00 40.86 ? 3  DG  C N1    1 
ATOM   461 C C2    . DG  C 1 3  ? -5.125  9.590   -9.555  1.00 43.18 ? 3  DG  C C2    1 
ATOM   462 N N2    . DG  C 1 3  ? -4.411  8.552   -10.022 1.00 46.47 ? 3  DG  C N2    1 
ATOM   463 N N3    . DG  C 1 3  ? -6.369  9.402   -9.110  1.00 42.68 ? 3  DG  C N3    1 
ATOM   464 C C4    . DG  C 1 3  ? -6.933  10.545  -8.659  1.00 42.55 ? 3  DG  C C4    1 
ATOM   465 P P     . DC  C 1 4  ? -10.226 6.274   -6.861  1.00 63.47 ? 4  DC  C P     1 
ATOM   466 O OP1   . DC  C 1 4  ? -10.711 4.870   -6.987  1.00 55.20 ? 4  DC  C OP1   1 
ATOM   467 O OP2   . DC  C 1 4  ? -10.108 6.937   -5.528  1.00 55.40 ? 4  DC  C OP2   1 
ATOM   468 O "O5'" . DC  C 1 4  ? -8.806  6.374   -7.653  1.00 56.33 ? 4  DC  C "O5'" 1 
ATOM   469 C "C5'" . DC  C 1 4  ? -8.115  5.275   -8.253  1.00 51.39 ? 4  DC  C "C5'" 1 
ATOM   470 C "C4'" . DC  C 1 4  ? -7.033  4.881   -7.274  1.00 51.09 ? 4  DC  C "C4'" 1 
ATOM   471 O "O4'" . DC  C 1 4  ? -6.151  6.017   -7.063  1.00 46.66 ? 4  DC  C "O4'" 1 
ATOM   472 C "C3'" . DC  C 1 4  ? -7.572  4.541   -5.897  1.00 52.20 ? 4  DC  C "C3'" 1 
ATOM   473 O "O3'" . DC  C 1 4  ? -6.610  3.754   -5.177  1.00 53.85 ? 4  DC  C "O3'" 1 
ATOM   474 C "C2'" . DC  C 1 4  ? -7.684  5.922   -5.262  1.00 51.09 ? 4  DC  C "C2'" 1 
ATOM   475 C "C1'" . DC  C 1 4  ? -6.374  6.523   -5.761  1.00 47.55 ? 4  DC  C "C1'" 1 
ATOM   476 N N1    . DC  C 1 4  ? -6.201  8.025   -5.640  1.00 44.28 ? 4  DC  C N1    1 
ATOM   477 C C2    . DC  C 1 4  ? -4.975  8.549   -6.083  1.00 43.66 ? 4  DC  C C2    1 
ATOM   478 O O2    . DC  C 1 4  ? -4.149  7.739   -6.580  1.00 42.29 ? 4  DC  C O2    1 
ATOM   479 N N3    . DC  C 1 4  ? -4.747  9.905   -5.959  1.00 42.87 ? 4  DC  C N3    1 
ATOM   480 C C4    . DC  C 1 4  ? -5.673  10.723  -5.415  1.00 42.77 ? 4  DC  C C4    1 
ATOM   481 N N4    . DC  C 1 4  ? -5.395  12.038  -5.333  1.00 39.12 ? 4  DC  C N4    1 
ATOM   482 C C5    . DC  C 1 4  ? -6.922  10.187  -4.941  1.00 44.93 ? 4  DC  C C5    1 
ATOM   483 C C6    . DC  C 1 4  ? -7.141  8.849   -5.060  1.00 45.18 ? 4  DC  C C6    1 
ATOM   484 P P     . DG  C 1 5  ? -6.418  2.160   -5.395  1.00 57.60 ? 5  DG  C P     1 
ATOM   485 O OP1   . DG  C 1 5  ? -6.855  1.863   -6.793  1.00 54.51 ? 5  DG  C OP1   1 
ATOM   486 O OP2   . DG  C 1 5  ? -6.982  1.490   -4.193  1.00 56.82 ? 5  DG  C OP2   1 
ATOM   487 O "O5'" . DG  C 1 5  ? -4.829  1.978   -5.389  1.00 53.53 ? 5  DG  C "O5'" 1 
ATOM   488 C "C5'" . DG  C 1 5  ? -4.130  2.531   -6.538  1.00 51.94 ? 5  DG  C "C5'" 1 
ATOM   489 C "C4'" . DG  C 1 5  ? -2.650  2.287   -6.320  1.00 52.80 ? 5  DG  C "C4'" 1 
ATOM   490 O "O4'" . DG  C 1 5  ? -1.980  3.329   -5.550  1.00 49.89 ? 5  DG  C "O4'" 1 
ATOM   491 C "C3'" . DG  C 1 5  ? -2.433  1.054   -5.470  1.00 51.53 ? 5  DG  C "C3'" 1 
ATOM   492 O "O3'" . DG  C 1 5  ? -1.136  0.615   -5.845  1.00 54.94 ? 5  DG  C "O3'" 1 
ATOM   493 C "C2'" . DG  C 1 5  ? -2.581  1.587   -4.038  1.00 48.58 ? 5  DG  C "C2'" 1 
ATOM   494 C "C1'" . DG  C 1 5  ? -2.067  3.026   -4.173  1.00 50.09 ? 5  DG  C "C1'" 1 
ATOM   495 N N9    . DG  C 1 5  ? -2.958  4.054   -3.657  1.00 47.70 ? 5  DG  C N9    1 
ATOM   496 C C8    . DG  C 1 5  ? -4.173  3.858   -3.059  1.00 49.68 ? 5  DG  C C8    1 
ATOM   497 N N7    . DG  C 1 5  ? -4.746  4.989   -2.692  1.00 49.82 ? 5  DG  C N7    1 
ATOM   498 C C5    . DG  C 1 5  ? -3.877  6.012   -3.069  1.00 44.78 ? 5  DG  C C5    1 
ATOM   499 C C6    . DG  C 1 5  ? -3.986  7.443   -2.935  1.00 43.19 ? 5  DG  C C6    1 
ATOM   500 O O6    . DG  C 1 5  ? -4.913  8.139   -2.444  1.00 42.35 ? 5  DG  C O6    1 
ATOM   501 N N1    . DG  C 1 5  ? -2.867  8.105   -3.457  1.00 40.74 ? 5  DG  C N1    1 
ATOM   502 C C2    . DG  C 1 5  ? -1.793  7.439   -4.030  1.00 45.05 ? 5  DG  C C2    1 
ATOM   503 N N2    . DG  C 1 5  ? -0.796  8.221   -4.484  1.00 44.72 ? 5  DG  C N2    1 
ATOM   504 N N3    . DG  C 1 5  ? -1.679  6.100   -4.167  1.00 47.25 ? 5  DG  C N3    1 
ATOM   505 C C4    . DG  C 1 5  ? -2.762  5.436   -3.667  1.00 46.45 ? 5  DG  C C4    1 
ATOM   506 P P     . DG  C 1 6  ? -0.213  -0.231  -4.813  1.00 64.30 ? 6  DG  C P     1 
ATOM   507 O OP1   . DG  C 1 6  ? 0.854   -0.969  -5.558  1.00 50.29 ? 6  DG  C OP1   1 
ATOM   508 O OP2   . DG  C 1 6  ? -1.167  -0.943  -3.887  1.00 57.48 ? 6  DG  C OP2   1 
ATOM   509 O "O5'" . DG  C 1 6  ? 0.516   0.935   -3.978  1.00 54.23 ? 6  DG  C "O5'" 1 
ATOM   510 C "C5'" . DG  C 1 6  ? 1.736   1.558   -4.378  1.00 50.43 ? 6  DG  C "C5'" 1 
ATOM   511 C "C4'" . DG  C 1 6  ? 2.035   2.353   -3.136  1.00 53.24 ? 6  DG  C "C4'" 1 
ATOM   512 O "O4'" . DG  C 1 6  ? 0.907   3.257   -2.878  1.00 52.92 ? 6  DG  C "O4'" 1 
ATOM   513 C "C3'" . DG  C 1 6  ? 2.135   1.428   -1.905  1.00 53.11 ? 6  DG  C "C3'" 1 
ATOM   514 O "O3'" . DG  C 1 6  ? 3.408   1.557   -1.199  1.00 53.24 ? 6  DG  C "O3'" 1 
ATOM   515 C "C2'" . DG  C 1 6  ? 0.935   1.798   -1.014  1.00 50.43 ? 6  DG  C "C2'" 1 
ATOM   516 C "C1'" . DG  C 1 6  ? 0.762   3.252   -1.456  1.00 50.86 ? 6  DG  C "C1'" 1 
ATOM   517 N N9    . DG  C 1 6  ? -0.477  3.862   -1.015  1.00 46.18 ? 6  DG  C N9    1 
ATOM   518 C C8    . DG  C 1 6  ? -1.645  3.233   -0.678  1.00 47.08 ? 6  DG  C C8    1 
ATOM   519 N N7    . DG  C 1 6  ? -2.581  4.065   -0.301  1.00 47.85 ? 6  DG  C N7    1 
ATOM   520 C C5    . DG  C 1 6  ? -1.991  5.329   -0.384  1.00 46.77 ? 6  DG  C C5    1 
ATOM   521 C C6    . DG  C 1 6  ? -2.507  6.625   -0.095  1.00 43.06 ? 6  DG  C C6    1 
ATOM   522 O O6    . DG  C 1 6  ? -3.643  6.932   0.312   1.00 42.45 ? 6  DG  C O6    1 
ATOM   523 N N1    . DG  C 1 6  ? -1.547  7.617   -0.303  1.00 41.78 ? 6  DG  C N1    1 
ATOM   524 C C2    . DG  C 1 6  ? -0.260  7.386   -0.753  1.00 44.58 ? 6  DG  C C2    1 
ATOM   525 N N2    . DG  C 1 6  ? 0.555   8.439   -0.927  1.00 42.13 ? 6  DG  C N2    1 
ATOM   526 N N3    . DG  C 1 6  ? 0.226   6.182   -1.026  1.00 48.31 ? 6  DG  C N3    1 
ATOM   527 C C4    . DG  C 1 6  ? -0.688  5.204   -0.818  1.00 47.52 ? 6  DG  C C4    1 
ATOM   528 P P     . DC  C 1 7  ? 4.833   1.018   -1.808  1.00 57.07 ? 7  DC  C P     1 
ATOM   529 O OP1   . DC  C 1 7  ? 5.893   1.912   -1.238  1.00 57.68 ? 7  DC  C OP1   1 
ATOM   530 O OP2   . DC  C 1 7  ? 4.679   0.951   -3.291  1.00 53.92 ? 7  DC  C OP2   1 
ATOM   531 O "O5'" . DC  C 1 7  ? 5.061   -0.451  -1.133  1.00 53.15 ? 7  DC  C "O5'" 1 
ATOM   532 C "C5'" . DC  C 1 7  ? 5.583   -0.673  0.236   1.00 50.85 ? 7  DC  C "C5'" 1 
ATOM   533 C "C4'" . DC  C 1 7  ? 6.007   -2.116  0.362   1.00 46.09 ? 7  DC  C "C4'" 1 
ATOM   534 O "O4'" . DC  C 1 7  ? 4.827   -2.904  0.613   1.00 45.46 ? 7  DC  C "O4'" 1 
ATOM   535 C "C3'" . DC  C 1 7  ? 6.433   -2.679  -0.988  1.00 46.06 ? 7  DC  C "C3'" 1 
ATOM   536 O "O3'" . DC  C 1 7  ? 7.702   -2.177  -1.422  1.00 50.11 ? 7  DC  C "O3'" 1 
ATOM   537 C "C2'" . DC  C 1 7  ? 6.306   -4.168  -0.778  1.00 46.55 ? 7  DC  C "C2'" 1 
ATOM   538 C "C1'" . DC  C 1 7  ? 4.918   -4.123  -0.140  1.00 46.86 ? 7  DC  C "C1'" 1 
ATOM   539 N N1    . DC  C 1 7  ? 3.798   -4.279  -1.157  1.00 46.21 ? 7  DC  C N1    1 
ATOM   540 C C2    . DC  C 1 7  ? 3.493   -5.557  -1.676  1.00 46.33 ? 7  DC  C C2    1 
ATOM   541 O O2    . DC  C 1 7  ? 4.155   -6.541  -1.281  1.00 47.57 ? 7  DC  C O2    1 
ATOM   542 N N3    . DC  C 1 7  ? 2.478   -5.687  -2.595  1.00 43.53 ? 7  DC  C N3    1 
ATOM   543 C C4    . DC  C 1 7  ? 1.772   -4.609  -3.003  1.00 44.55 ? 7  DC  C C4    1 
ATOM   544 N N4    . DC  C 1 7  ? 0.779   -4.767  -3.901  1.00 45.76 ? 7  DC  C N4    1 
ATOM   545 C C5    . DC  C 1 7  ? 2.073   -3.305  -2.499  1.00 43.95 ? 7  DC  C C5    1 
ATOM   546 C C6    . DC  C 1 7  ? 3.073   -3.199  -1.594  1.00 48.80 ? 7  DC  C C6    1 
ATOM   547 P P     . DC  C 1 8  ? 9.162   -2.840  -1.349  1.00 53.94 ? 8  DC  C P     1 
ATOM   548 O OP1   . DC  C 1 8  ? 9.531   -2.849  0.091   1.00 49.09 ? 8  DC  C OP1   1 
ATOM   549 O OP2   . DC  C 1 8  ? 9.952   -2.119  -2.402  1.00 51.07 ? 8  DC  C OP2   1 
ATOM   550 O "O5'" . DC  C 1 8  ? 9.014   -4.339  -1.887  1.00 47.84 ? 8  DC  C "O5'" 1 
ATOM   551 C "C5'" . DC  C 1 8  ? 9.485   -5.322  -1.002  1.00 48.64 ? 8  DC  C "C5'" 1 
ATOM   552 C "C4'" . DC  C 1 8  ? 9.565   -6.580  -1.809  1.00 47.22 ? 8  DC  C "C4'" 1 
ATOM   553 O "O4'" . DC  C 1 8  ? 8.283   -6.766  -2.455  1.00 44.88 ? 8  DC  C "O4'" 1 
ATOM   554 C "C3'" . DC  C 1 8  ? 10.579  -6.438  -2.916  1.00 51.52 ? 8  DC  C "C3'" 1 
ATOM   555 O "O3'" . DC  C 1 8  ? 11.304  -7.703  -3.037  1.00 58.12 ? 8  DC  C "O3'" 1 
ATOM   556 C "C2'" . DC  C 1 8  ? 9.719   -6.003  -4.121  1.00 48.60 ? 8  DC  C "C2'" 1 
ATOM   557 C "C1'" . DC  C 1 8  ? 8.418   -6.752  -3.848  1.00 45.12 ? 8  DC  C "C1'" 1 
ATOM   558 N N1    . DC  C 1 8  ? 7.133   -6.171  -4.363  1.00 44.05 ? 8  DC  C N1    1 
ATOM   559 C C2    . DC  C 1 8  ? 6.209   -7.059  -4.962  1.00 43.89 ? 8  DC  C C2    1 
ATOM   560 O O2    . DC  C 1 8  ? 6.500   -8.285  -5.049  1.00 41.75 ? 8  DC  C O2    1 
ATOM   561 N N3    . DC  C 1 8  ? 5.025   -6.536  -5.431  1.00 41.87 ? 8  DC  C N3    1 
ATOM   562 C C4    . DC  C 1 8  ? 4.741   -5.231  -5.302  1.00 40.85 ? 8  DC  C C4    1 
ATOM   563 N N4    . DC  C 1 8  ? 3.553   -4.814  -5.772  1.00 40.35 ? 8  DC  C N4    1 
ATOM   564 C C5    . DC  C 1 8  ? 5.666   -4.321  -4.693  1.00 40.87 ? 8  DC  C C5    1 
ATOM   565 C C6    . DC  C 1 8  ? 6.832   -4.832  -4.239  1.00 44.91 ? 8  DC  C C6    1 
ATOM   566 P P     . DG  C 1 9  ? 12.385  -7.926  -4.235  1.00 65.43 ? 9  DG  C P     1 
ATOM   567 O OP1   . DG  C 1 9  ? 13.388  -8.988  -3.870  1.00 60.86 ? 9  DG  C OP1   1 
ATOM   568 O OP2   . DG  C 1 9  ? 12.769  -6.547  -4.690  1.00 54.17 ? 9  DG  C OP2   1 
ATOM   569 O "O5'" . DG  C 1 9  ? 11.451  -8.516  -5.382  1.00 51.36 ? 9  DG  C "O5'" 1 
ATOM   570 C "C5'" . DG  C 1 9  ? 11.388  -9.909  -5.607  1.00 51.79 ? 9  DG  C "C5'" 1 
ATOM   571 C "C4'" . DG  C 1 9  ? 10.639  -9.960  -6.913  1.00 53.36 ? 9  DG  C "C4'" 1 
ATOM   572 O "O4'" . DG  C 1 9  ? 9.593   -8.954  -6.755  1.00 51.54 ? 9  DG  C "O4'" 1 
ATOM   573 C "C3'" . DG  C 1 9  ? 11.478  -9.535  -8.142  1.00 52.01 ? 9  DG  C "C3'" 1 
ATOM   574 O "O3'" . DG  C 1 9  ? 11.240  -10.388 -9.281  1.00 52.34 ? 9  DG  C "O3'" 1 
ATOM   575 C "C2'" . DG  C 1 9  ? 10.977  -8.113  -8.418  1.00 46.17 ? 9  DG  C "C2'" 1 
ATOM   576 C "C1'" . DG  C 1 9  ? 9.510   -8.263  -7.991  1.00 47.99 ? 9  DG  C "C1'" 1 
ATOM   577 N N9    . DG  C 1 9  ? 8.683   -7.030  -7.924  1.00 47.82 ? 9  DG  C N9    1 
ATOM   578 C C8    . DG  C 1 9  ? 9.040   -5.737  -7.539  1.00 47.49 ? 9  DG  C C8    1 
ATOM   579 N N7    . DG  C 1 9  ? 8.063   -4.855  -7.635  1.00 44.22 ? 9  DG  C N7    1 
ATOM   580 C C5    . DG  C 1 9  ? 6.997   -5.618  -8.111  1.00 42.10 ? 9  DG  C C5    1 
ATOM   581 C C6    . DG  C 1 9  ? 5.676   -5.216  -8.393  1.00 43.11 ? 9  DG  C C6    1 
ATOM   582 O O6    . DG  C 1 9  ? 5.201   -4.063  -8.274  1.00 44.70 ? 9  DG  C O6    1 
ATOM   583 N N1    . DG  C 1 9  ? 4.910   -6.303  -8.852  1.00 42.29 ? 9  DG  C N1    1 
ATOM   584 C C2    . DG  C 1 9  ? 5.379   -7.594  -9.008  1.00 41.06 ? 9  DG  C C2    1 
ATOM   585 N N2    . DG  C 1 9  ? 4.508   -8.499  -9.472  1.00 42.90 ? 9  DG  C N2    1 
ATOM   586 N N3    . DG  C 1 9  ? 6.610   -7.984  -8.748  1.00 40.30 ? 9  DG  C N3    1 
ATOM   587 C C4    . DG  C 1 9  ? 7.353   -6.945  -8.302  1.00 42.86 ? 9  DG  C C4    1 
ATOM   588 P P     . DC  C 1 10 ? 12.187  -11.638 -9.686  1.00 55.49 ? 10 DC  C P     1 
ATOM   589 O OP1   . DC  C 1 10 ? 12.594  -12.287 -8.410  1.00 57.34 ? 10 DC  C OP1   1 
ATOM   590 O OP2   . DC  C 1 10 ? 13.177  -11.101 -10.669 1.00 53.50 ? 10 DC  C OP2   1 
ATOM   591 O "O5'" . DC  C 1 10 ? 11.302  -12.646 -10.593 1.00 55.89 ? 10 DC  C "O5'" 1 
ATOM   592 C "C5'" . DC  C 1 10 ? 9.927   -13.008 -10.339 1.00 53.97 ? 10 DC  C "C5'" 1 
ATOM   593 C "C4'" . DC  C 1 10 ? 9.049   -12.753 -11.566 1.00 51.93 ? 10 DC  C "C4'" 1 
ATOM   594 O "O4'" . DC  C 1 10 ? 8.346   -11.497 -11.373 1.00 49.52 ? 10 DC  C "O4'" 1 
ATOM   595 C "C3'" . DC  C 1 10 ? 9.782   -12.624 -12.910 1.00 52.02 ? 10 DC  C "C3'" 1 
ATOM   596 O "O3'" . DC  C 1 10 ? 9.080   -13.246 -14.006 1.00 53.69 ? 10 DC  C "O3'" 1 
ATOM   597 C "C2'" . DC  C 1 10 ? 9.805   -11.114 -13.128 1.00 51.83 ? 10 DC  C "C2'" 1 
ATOM   598 C "C1'" . DC  C 1 10 ? 8.425   -10.765 -12.589 1.00 50.20 ? 10 DC  C "C1'" 1 
ATOM   599 N N1    . DC  C 1 10 ? 8.258   -9.314  -12.300 1.00 46.62 ? 10 DC  C N1    1 
ATOM   600 C C2    . DC  C 1 10 ? 7.067   -8.626  -12.652 1.00 46.97 ? 10 DC  C C2    1 
ATOM   601 O O2    . DC  C 1 10 ? 6.112   -9.225  -13.225 1.00 47.57 ? 10 DC  C O2    1 
ATOM   602 N N3    . DC  C 1 10 ? 7.000   -7.297  -12.346 1.00 43.37 ? 10 DC  C N3    1 
ATOM   603 C C4    . DC  C 1 10 ? 8.028   -6.693  -11.734 1.00 42.68 ? 10 DC  C C4    1 
ATOM   604 N N4    . DC  C 1 10 ? 7.927   -5.395  -11.455 1.00 43.56 ? 10 DC  C N4    1 
ATOM   605 C C5    . DC  C 1 10 ? 9.222   -7.372  -11.387 1.00 43.23 ? 10 DC  C C5    1 
ATOM   606 C C6    . DC  C 1 10 ? 9.295   -8.670  -11.691 1.00 45.18 ? 10 DC  C C6    1 
ATOM   607 O "O5'" . DC  D 1 1  ? 8.772   -1.256  20.679  1.00 61.34 ? 1  DC  D "O5'" 1 
ATOM   608 C "C5'" . DC  D 1 1  ? 8.870   -1.660  19.246  1.00 66.09 ? 1  DC  D "C5'" 1 
ATOM   609 C "C4'" . DC  D 1 1  ? 7.829   -1.162  18.204  1.00 63.43 ? 1  DC  D "C4'" 1 
ATOM   610 O "O4'" . DC  D 1 1  ? 7.503   0.246   18.434  1.00 61.48 ? 1  DC  D "O4'" 1 
ATOM   611 C "C3'" . DC  D 1 1  ? 8.228   -1.229  16.692  1.00 62.09 ? 1  DC  D "C3'" 1 
ATOM   612 O "O3'" . DC  D 1 1  ? 7.070   -1.199  15.743  1.00 61.70 ? 1  DC  D "O3'" 1 
ATOM   613 C "C2'" . DC  D 1 1  ? 8.961   0.101   16.603  1.00 58.68 ? 1  DC  D "C2'" 1 
ATOM   614 C "C1'" . DC  D 1 1  ? 7.751   0.862   17.178  1.00 59.49 ? 1  DC  D "C1'" 1 
ATOM   615 N N1    . DC  D 1 1  ? 7.866   2.352   17.265  1.00 55.92 ? 1  DC  D N1    1 
ATOM   616 C C2    . DC  D 1 1  ? 6.895   3.133   17.928  1.00 52.24 ? 1  DC  D C2    1 
ATOM   617 O O2    . DC  D 1 1  ? 5.920   2.568   18.471  1.00 50.58 ? 1  DC  D O2    1 
ATOM   618 N N3    . DC  D 1 1  ? 7.074   4.491   17.948  1.00 51.53 ? 1  DC  D N3    1 
ATOM   619 C C4    . DC  D 1 1  ? 8.154   5.040   17.331  1.00 53.54 ? 1  DC  D C4    1 
ATOM   620 N N4    . DC  D 1 1  ? 8.335   6.370   17.348  1.00 49.55 ? 1  DC  D N4    1 
ATOM   621 C C5    . DC  D 1 1  ? 9.134   4.251   16.648  1.00 55.25 ? 1  DC  D C5    1 
ATOM   622 C C6    . DC  D 1 1  ? 8.944   2.927   16.644  1.00 56.92 ? 1  DC  D C6    1 
ATOM   623 P P     . DG  D 1 2  ? 6.821   -1.970  14.298  1.00 69.72 ? 2  DG  D P     1 
ATOM   624 O OP1   . DG  D 1 2  ? 6.951   -3.407  14.649  1.00 66.62 ? 2  DG  D OP1   1 
ATOM   625 O OP2   . DG  D 1 2  ? 7.534   -1.436  13.097  1.00 58.98 ? 2  DG  D OP2   1 
ATOM   626 O "O5'" . DG  D 1 2  ? 5.244   -1.754  14.112  1.00 62.97 ? 2  DG  D "O5'" 1 
ATOM   627 C "C5'" . DG  D 1 2  ? 4.418   -2.509  15.028  1.00 61.64 ? 2  DG  D "C5'" 1 
ATOM   628 C "C4'" . DG  D 1 2  ? 3.030   -1.978  14.858  1.00 63.42 ? 2  DG  D "C4'" 1 
ATOM   629 O "O4'" . DG  D 1 2  ? 3.006   -0.739  15.606  1.00 67.80 ? 2  DG  D "O4'" 1 
ATOM   630 C "C3'" . DG  D 1 2  ? 2.791   -1.659  13.382  1.00 61.03 ? 2  DG  D "C3'" 1 
ATOM   631 O "O3'" . DG  D 1 2  ? 1.772   -2.517  12.807  1.00 63.20 ? 2  DG  D "O3'" 1 
ATOM   632 C "C2'" . DG  D 1 2  ? 2.467   -0.172  13.329  1.00 61.26 ? 2  DG  D "C2'" 1 
ATOM   633 C "C1'" . DG  D 1 2  ? 2.649   0.347   14.759  1.00 63.34 ? 2  DG  D "C1'" 1 
ATOM   634 N N9    . DG  D 1 2  ? 3.614   1.449   14.740  1.00 58.12 ? 2  DG  D N9    1 
ATOM   635 C C8    . DG  D 1 2  ? 4.896   1.447   14.213  1.00 59.44 ? 2  DG  D C8    1 
ATOM   636 N N7    . DG  D 1 2  ? 5.502   2.612   14.294  1.00 57.35 ? 2  DG  D N7    1 
ATOM   637 C C5    . DG  D 1 2  ? 4.549   3.439   14.895  1.00 52.89 ? 2  DG  D C5    1 
ATOM   638 C C6    . DG  D 1 2  ? 4.630   4.818   15.229  1.00 49.35 ? 2  DG  D C6    1 
ATOM   639 O O6    . DG  D 1 2  ? 5.595   5.599   15.070  1.00 48.78 ? 2  DG  D O6    1 
ATOM   640 N N1    . DG  D 1 2  ? 3.433   5.255   15.819  1.00 46.78 ? 2  DG  D N1    1 
ATOM   641 C C2    . DG  D 1 2  ? 2.303   4.480   16.034  1.00 47.59 ? 2  DG  D C2    1 
ATOM   642 N N2    . DG  D 1 2  ? 1.256   5.115   16.592  1.00 46.75 ? 2  DG  D N2    1 
ATOM   643 N N3    . DG  D 1 2  ? 2.209   3.183   15.721  1.00 50.39 ? 2  DG  D N3    1 
ATOM   644 C C4    . DG  D 1 2  ? 3.374   2.740   15.166  1.00 53.65 ? 2  DG  D C4    1 
ATOM   645 P P     . DG  D 1 3  ? 0.221   -2.129  12.503  1.00 71.74 ? 3  DG  D P     1 
ATOM   646 O OP1   . DG  D 1 3  ? -0.515  -1.953  13.805  1.00 62.02 ? 3  DG  D OP1   1 
ATOM   647 O OP2   . DG  D 1 3  ? -0.218  -3.119  11.473  1.00 67.87 ? 3  DG  D OP2   1 
ATOM   648 O "O5'" . DG  D 1 3  ? 0.289   -0.740  11.695  1.00 69.73 ? 3  DG  D "O5'" 1 
ATOM   649 C "C5'" . DG  D 1 3  ? -0.884  0.041   11.473  1.00 64.54 ? 3  DG  D "C5'" 1 
ATOM   650 C "C4'" . DG  D 1 3  ? -1.783  0.158   12.708  1.00 67.45 ? 3  DG  D "C4'" 1 
ATOM   651 O "O4'" . DG  D 1 3  ? -1.316  1.123   13.702  1.00 64.61 ? 3  DG  D "O4'" 1 
ATOM   652 C "C3'" . DG  D 1 3  ? -3.054  0.828   12.262  1.00 65.78 ? 3  DG  D "C3'" 1 
ATOM   653 O "O3'" . DG  D 1 3  ? -4.013  0.934   13.326  1.00 66.81 ? 3  DG  D "O3'" 1 
ATOM   654 C "C2'" . DG  D 1 3  ? -2.419  2.173   11.900  1.00 62.44 ? 3  DG  D "C2'" 1 
ATOM   655 C "C1'" . DG  D 1 3  ? -1.473  2.400   13.082  1.00 60.40 ? 3  DG  D "C1'" 1 
ATOM   656 N N9    . DG  D 1 3  ? -0.137  2.947   12.796  1.00 57.52 ? 3  DG  D N9    1 
ATOM   657 C C8    . DG  D 1 3  ? 1.004   2.247   12.413  1.00 58.01 ? 3  DG  D C8    1 
ATOM   658 N N7    . DG  D 1 3  ? 2.073   2.989   12.259  1.00 56.18 ? 3  DG  D N7    1 
ATOM   659 C C5    . DG  D 1 3  ? 1.602   4.281   12.573  1.00 53.33 ? 3  DG  D C5    1 
ATOM   660 C C6    . DG  D 1 3  ? 2.303   5.527   12.600  1.00 49.50 ? 3  DG  D C6    1 
ATOM   661 O O6    . DG  D 1 3  ? 3.522   5.699   12.338  1.00 47.91 ? 3  DG  D O6    1 
ATOM   662 N N1    . DG  D 1 3  ? 1.452   6.608   12.964  1.00 48.40 ? 3  DG  D N1    1 
ATOM   663 C C2    . DG  D 1 3  ? 0.089   6.506   13.275  1.00 51.18 ? 3  DG  D C2    1 
ATOM   664 N N2    . DG  D 1 3  ? -0.571  7.648   13.607  1.00 49.74 ? 3  DG  D N2    1 
ATOM   665 N N3    . DG  D 1 3  ? -0.568  5.330   13.258  1.00 52.05 ? 3  DG  D N3    1 
ATOM   666 C C4    . DG  D 1 3  ? 0.245   4.277   12.906  1.00 53.84 ? 3  DG  D C4    1 
ATOM   667 P P     . DC  D 1 4  ? -5.525  1.145   12.793  1.00 72.41 ? 4  DC  D P     1 
ATOM   668 O OP1   . DC  D 1 4  ? -6.420  1.104   13.994  1.00 70.78 ? 4  DC  D OP1   1 
ATOM   669 O OP2   . DC  D 1 4  ? -5.636  0.159   11.676  1.00 66.33 ? 4  DC  D OP2   1 
ATOM   670 O "O5'" . DC  D 1 4  ? -5.543  2.628   12.129  1.00 63.48 ? 4  DC  D "O5'" 1 
ATOM   671 C "C5'" . DC  D 1 4  ? -5.254  3.790   12.968  1.00 65.17 ? 4  DC  D "C5'" 1 
ATOM   672 C "C4'" . DC  D 1 4  ? -5.238  5.164   12.292  1.00 57.36 ? 4  DC  D "C4'" 1 
ATOM   673 O "O4'" . DC  D 1 4  ? -3.912  5.533   11.833  1.00 54.59 ? 4  DC  D "O4'" 1 
ATOM   674 C "C3'" . DC  D 1 4  ? -6.138  5.328   11.083  1.00 57.50 ? 4  DC  D "C3'" 1 
ATOM   675 O "O3'" . DC  D 1 4  ? -6.527  6.703   11.070  1.00 61.87 ? 4  DC  D "O3'" 1 
ATOM   676 C "C2'" . DC  D 1 4  ? -5.189  4.929   9.945   1.00 54.75 ? 4  DC  D "C2'" 1 
ATOM   677 C "C1'" . DC  D 1 4  ? -3.920  5.629   10.418  1.00 54.03 ? 4  DC  D "C1'" 1 
ATOM   678 N N1    . DC  D 1 4  ? -2.640  5.031   9.967   1.00 52.20 ? 4  DC  D N1    1 
ATOM   679 C C2    . DC  D 1 4  ? -1.504  5.871   9.967   1.00 50.60 ? 4  DC  D C2    1 
ATOM   680 O O2    . DC  D 1 4  ? -1.602  7.071   10.320  1.00 49.26 ? 4  DC  D O2    1 
ATOM   681 N N3    . DC  D 1 4  ? -0.322  5.341   9.563   1.00 47.80 ? 4  DC  D N3    1 
ATOM   682 C C4    . DC  D 1 4  ? -0.272  4.067   9.192   1.00 48.76 ? 4  DC  D C4    1 
ATOM   683 N N4    . DC  D 1 4  ? 0.926   3.628   8.812   1.00 50.02 ? 4  DC  D N4    1 
ATOM   684 C C5    . DC  D 1 4  ? -1.414  3.203   9.184   1.00 51.30 ? 4  DC  D C5    1 
ATOM   685 C C6    . DC  D 1 4  ? -2.582  3.724   9.572   1.00 51.18 ? 4  DC  D C6    1 
ATOM   686 P P     . DG  D 1 5  ? -7.911  7.238   10.398  1.00 67.60 ? 5  DG  D P     1 
ATOM   687 O OP1   . DG  D 1 5  ? -8.730  7.714   11.563  1.00 64.59 ? 5  DG  D OP1   1 
ATOM   688 O OP2   . DG  D 1 5  ? -8.345  6.195   9.399   1.00 51.53 ? 5  DG  D OP2   1 
ATOM   689 O "O5'" . DG  D 1 5  ? -7.538  8.578   9.602   1.00 51.29 ? 5  DG  D "O5'" 1 
ATOM   690 C "C5'" . DG  D 1 5  ? -6.818  9.562   10.299  1.00 52.79 ? 5  DG  D "C5'" 1 
ATOM   691 C "C4'" . DG  D 1 5  ? -6.065  10.331  9.243   1.00 50.37 ? 5  DG  D "C4'" 1 
ATOM   692 O "O4'" . DG  D 1 5  ? -4.907  9.567   8.844   1.00 47.83 ? 5  DG  D "O4'" 1 
ATOM   693 C "C3'" . DG  D 1 5  ? -6.889  10.523  7.991   1.00 51.06 ? 5  DG  D "C3'" 1 
ATOM   694 O "O3'" . DG  D 1 5  ? -6.582  11.788  7.472   1.00 55.52 ? 5  DG  D "O3'" 1 
ATOM   695 C "C2'" . DG  D 1 5  ? -6.388  9.427   7.074   1.00 45.89 ? 5  DG  D "C2'" 1 
ATOM   696 C "C1'" . DG  D 1 5  ? -4.927  9.425   7.459   1.00 46.34 ? 5  DG  D "C1'" 1 
ATOM   697 N N9    . DG  D 1 5  ? -4.296  8.156   7.139   1.00 49.58 ? 5  DG  D N9    1 
ATOM   698 C C8    . DG  D 1 5  ? -4.931  6.948   6.919   1.00 50.40 ? 5  DG  D C8    1 
ATOM   699 N N7    . DG  D 1 5  ? -4.112  5.962   6.634   1.00 49.30 ? 5  DG  D N7    1 
ATOM   700 C C5    . DG  D 1 5  ? -2.847  6.559   6.650   1.00 47.28 ? 5  DG  D C5    1 
ATOM   701 C C6    . DG  D 1 5  ? -1.567  5.987   6.405   1.00 47.01 ? 5  DG  D C6    1 
ATOM   702 O O6    . DG  D 1 5  ? -1.274  4.802   6.123   1.00 47.34 ? 5  DG  D O6    1 
ATOM   703 N N1    . DG  D 1 5  ? -0.553  6.945   6.530   1.00 45.42 ? 5  DG  D N1    1 
ATOM   704 C C2    . DG  D 1 5  ? -0.755  8.267   6.851   1.00 45.70 ? 5  DG  D C2    1 
ATOM   705 N N2    . DG  D 1 5  ? 0.363   9.000   6.923   1.00 47.48 ? 5  DG  D N2    1 
ATOM   706 N N3    . DG  D 1 5  ? -1.941  8.826   7.094   1.00 45.90 ? 5  DG  D N3    1 
ATOM   707 C C4    . DG  D 1 5  ? -2.941  7.910   6.970   1.00 47.81 ? 5  DG  D C4    1 
ATOM   708 P P     . DG  D 1 6  ? -7.678  12.950  7.635   1.00 55.52 ? 6  DG  D P     1 
ATOM   709 O OP1   . DG  D 1 6  ? -7.866  13.082  9.118   1.00 48.20 ? 6  DG  D OP1   1 
ATOM   710 O OP2   . DG  D 1 6  ? -8.810  12.588  6.709   1.00 48.92 ? 6  DG  D OP2   1 
ATOM   711 O "O5'" . DG  D 1 6  ? -6.875  14.203  6.989   1.00 49.35 ? 6  DG  D "O5'" 1 
ATOM   712 C "C5'" . DG  D 1 6  ? -5.683  14.663  7.606   1.00 45.74 ? 6  DG  D "C5'" 1 
ATOM   713 C "C4'" . DG  D 1 6  ? -4.587  14.751  6.579   1.00 45.03 ? 6  DG  D "C4'" 1 
ATOM   714 O "O4'" . DG  D 1 6  ? -4.197  13.424  6.141   1.00 46.68 ? 6  DG  D "O4'" 1 
ATOM   715 C "C3'" . DG  D 1 6  ? -5.003  15.474  5.305   1.00 52.65 ? 6  DG  D "C3'" 1 
ATOM   716 O "O3'" . DG  D 1 6  ? -3.937  16.344  4.977   1.00 49.86 ? 6  DG  D "O3'" 1 
ATOM   717 C "C2'" . DG  D 1 6  ? -5.161  14.359  4.260   1.00 51.18 ? 6  DG  D "C2'" 1 
ATOM   718 C "C1'" . DG  D 1 6  ? -4.110  13.347  4.718   1.00 51.24 ? 6  DG  D "C1'" 1 
ATOM   719 N N9    . DG  D 1 6  ? -4.332  11.936  4.384   1.00 48.20 ? 6  DG  D N9    1 
ATOM   720 C C8    . DG  D 1 6  ? -5.550  11.305  4.360   1.00 49.61 ? 6  DG  D C8    1 
ATOM   721 N N7    . DG  D 1 6  ? -5.479  10.026  4.070   1.00 49.49 ? 6  DG  D N7    1 
ATOM   722 C C5    . DG  D 1 6  ? -4.125  9.759   3.890   1.00 47.00 ? 6  DG  D C5    1 
ATOM   723 C C6    . DG  D 1 6  ? -3.465  8.524   3.564   1.00 45.99 ? 6  DG  D C6    1 
ATOM   724 O O6    . DG  D 1 6  ? -3.926  7.369   3.352   1.00 43.83 ? 6  DG  D O6    1 
ATOM   725 N N1    . DG  D 1 6  ? -2.087  8.727   3.485   1.00 44.84 ? 6  DG  D N1    1 
ATOM   726 C C2    . DG  D 1 6  ? -1.456  9.940   3.686   1.00 45.36 ? 6  DG  D C2    1 
ATOM   727 N N2    . DG  D 1 6  ? -0.122  9.902   3.560   1.00 44.94 ? 6  DG  D N2    1 
ATOM   728 N N3    . DG  D 1 6  ? -2.057  11.100  3.989   1.00 46.66 ? 6  DG  D N3    1 
ATOM   729 C C4    . DG  D 1 6  ? -3.404  10.940  4.082   1.00 47.23 ? 6  DG  D C4    1 
ATOM   730 P P     . DC  D 1 7  ? -4.121  17.496  3.883   1.00 61.10 ? 7  DC  D P     1 
ATOM   731 O OP1   . DC  D 1 7  ? -3.640  18.711  4.588   1.00 59.68 ? 7  DC  D OP1   1 
ATOM   732 O OP2   . DC  D 1 7  ? -5.497  17.499  3.285   1.00 59.61 ? 7  DC  D OP2   1 
ATOM   733 O "O5'" . DC  D 1 7  ? -3.009  17.047  2.807   1.00 55.00 ? 7  DC  D "O5'" 1 
ATOM   734 C "C5'" . DC  D 1 7  ? -2.042  16.173  3.392   1.00 52.79 ? 7  DC  D "C5'" 1 
ATOM   735 C "C4'" . DC  D 1 7  ? -0.835  15.933  2.523   1.00 48.83 ? 7  DC  D "C4'" 1 
ATOM   736 O "O4'" . DC  D 1 7  ? -0.754  14.509  2.208   1.00 47.76 ? 7  DC  D "O4'" 1 
ATOM   737 C "C3'" . DC  D 1 7  ? -0.960  16.610  1.185   1.00 53.53 ? 7  DC  D "C3'" 1 
ATOM   738 O "O3'" . DC  D 1 7  ? 0.318   16.519  0.549   1.00 55.92 ? 7  DC  D "O3'" 1 
ATOM   739 C "C2'" . DC  D 1 7  ? -1.950  15.626  0.559   1.00 54.38 ? 7  DC  D "C2'" 1 
ATOM   740 C "C1'" . DC  D 1 7  ? -1.178  14.337  0.859   1.00 52.05 ? 7  DC  D "C1'" 1 
ATOM   741 N N1    . DC  D 1 7  ? -1.945  13.065  0.747   1.00 49.86 ? 7  DC  D N1    1 
ATOM   742 C C2    . DC  D 1 7  ? -1.275  11.846  0.473   1.00 49.05 ? 7  DC  D C2    1 
ATOM   743 O O2    . DC  D 1 7  ? -0.031  11.811  0.311   1.00 48.74 ? 7  DC  D O2    1 
ATOM   744 N N3    . DC  D 1 7  ? -2.031  10.712  0.397   1.00 46.26 ? 7  DC  D N3    1 
ATOM   745 C C4    . DC  D 1 7  ? -3.363  10.768  0.579   1.00 47.05 ? 7  DC  D C4    1 
ATOM   746 N N4    . DC  D 1 7  ? -4.053  9.623   0.506   1.00 46.55 ? 7  DC  D N4    1 
ATOM   747 C C5    . DC  D 1 7  ? -4.049  11.993  0.843   1.00 48.23 ? 7  DC  D C5    1 
ATOM   748 C C6    . DC  D 1 7  ? -3.301  13.103  0.921   1.00 49.82 ? 7  DC  D C6    1 
ATOM   749 P P     . DC  D 1 8  ? 0.839   17.646  -0.467  1.00 54.19 ? 8  DC  D P     1 
ATOM   750 O OP1   . DC  D 1 8  ? 2.006   18.171  0.325   1.00 50.19 ? 8  DC  D OP1   1 
ATOM   751 O OP2   . DC  D 1 8  ? -0.301  18.465  -0.986  1.00 45.75 ? 8  DC  D OP2   1 
ATOM   752 O "O5'" . DC  D 1 8  ? 1.388   16.854  -1.739  1.00 53.18 ? 8  DC  D "O5'" 1 
ATOM   753 C "C5'" . DC  D 1 8  ? 2.045   15.615  -1.549  1.00 53.27 ? 8  DC  D "C5'" 1 
ATOM   754 C "C4'" . DC  D 1 8  ? 2.257   15.031  -2.929  1.00 51.49 ? 8  DC  D "C4'" 1 
ATOM   755 O "O4'" . DC  D 1 8  ? 1.365   13.901  -3.122  1.00 52.41 ? 8  DC  D "O4'" 1 
ATOM   756 C "C3'" . DC  D 1 8  ? 1.886   15.939  -4.082  1.00 51.28 ? 8  DC  D "C3'" 1 
ATOM   757 O "O3'" . DC  D 1 8  ? 2.452   15.282  -5.182  1.00 54.91 ? 8  DC  D "O3'" 1 
ATOM   758 C "C2'" . DC  D 1 8  ? 0.368   15.743  -4.123  1.00 49.86 ? 8  DC  D "C2'" 1 
ATOM   759 C "C1'" . DC  D 1 8  ? 0.354   14.211  -4.088  1.00 48.75 ? 8  DC  D "C1'" 1 
ATOM   760 N N1    . DC  D 1 8  ? -0.902  13.418  -3.689  1.00 46.37 ? 8  DC  D N1    1 
ATOM   761 C C2    . DC  D 1 8  ? -0.793  12.012  -3.741  1.00 47.46 ? 8  DC  D C2    1 
ATOM   762 O O2    . DC  D 1 8  ? 0.293   11.516  -4.142  1.00 49.13 ? 8  DC  D O2    1 
ATOM   763 N N3    . DC  D 1 8  ? -1.863  11.231  -3.369  1.00 45.59 ? 8  DC  D N3    1 
ATOM   764 C C4    . DC  D 1 8  ? -3.010  11.793  -2.955  1.00 46.79 ? 8  DC  D C4    1 
ATOM   765 N N4    . DC  D 1 8  ? -4.025  10.969  -2.607  1.00 45.50 ? 8  DC  D N4    1 
ATOM   766 C C5    . DC  D 1 8  ? -3.138  13.221  -2.884  1.00 45.75 ? 8  DC  D C5    1 
ATOM   767 C C6    . DC  D 1 8  ? -2.077  13.977  -3.250  1.00 45.46 ? 8  DC  D C6    1 
ATOM   768 P P     . DG  D 1 9  ? 3.610   15.897  -6.110  1.00 56.00 ? 9  DG  D P     1 
ATOM   769 O OP1   . DG  D 1 9  ? 4.736   16.217  -5.188  1.00 57.09 ? 9  DG  D OP1   1 
ATOM   770 O OP2   . DG  D 1 9  ? 2.936   16.967  -6.905  1.00 52.62 ? 9  DG  D OP2   1 
ATOM   771 O "O5'" . DG  D 1 9  ? 4.029   14.605  -7.002  1.00 53.10 ? 9  DG  D "O5'" 1 
ATOM   772 C "C5'" . DG  D 1 9  ? 4.411   13.337  -6.356  1.00 53.18 ? 9  DG  D "C5'" 1 
ATOM   773 C "C4'" . DG  D 1 9  ? 4.408   12.094  -7.270  1.00 56.76 ? 9  DG  D "C4'" 1 
ATOM   774 O "O4'" . DG  D 1 9  ? 3.067   11.551  -7.393  1.00 58.39 ? 9  DG  D "O4'" 1 
ATOM   775 C "C3'" . DG  D 1 9  ? 4.800   12.284  -8.742  1.00 59.99 ? 9  DG  D "C3'" 1 
ATOM   776 O "O3'" . DG  D 1 9  ? 5.088   11.037  -9.469  1.00 62.17 ? 9  DG  D "O3'" 1 
ATOM   777 C "C2'" . DG  D 1 9  ? 3.528   12.934  -9.300  1.00 57.94 ? 9  DG  D "C2'" 1 
ATOM   778 C "C1'" . DG  D 1 9  ? 2.469   12.081  -8.591  1.00 56.07 ? 9  DG  D "C1'" 1 
ATOM   779 N N9    . DG  D 1 9  ? 1.270   12.832  -8.215  1.00 49.73 ? 9  DG  D N9    1 
ATOM   780 C C8    . DG  D 1 9  ? 1.112   14.206  -8.169  1.00 47.39 ? 9  DG  D C8    1 
ATOM   781 N N7    . DG  D 1 9  ? -0.085  14.562  -7.759  1.00 46.10 ? 9  DG  D N7    1 
ATOM   782 C C5    . DG  D 1 9  ? -0.770  13.345  -7.520  1.00 46.94 ? 9  DG  D C5    1 
ATOM   783 C C6    . DG  D 1 9  ? -2.110  13.070  -7.050  1.00 45.56 ? 9  DG  D C6    1 
ATOM   784 O O6    . DG  D 1 9  ? -3.006  13.895  -6.749  1.00 45.35 ? 9  DG  D O6    1 
ATOM   785 N N1    . DG  D 1 9  ? -2.378  11.694  -6.932  1.00 44.15 ? 9  DG  D N1    1 
ATOM   786 C C2    . DG  D 1 9  ? -1.454  10.691  -7.236  1.00 47.59 ? 9  DG  D C2    1 
ATOM   787 N N2    . DG  D 1 9  ? -1.846  9.400   -7.085  1.00 44.86 ? 9  DG  D N2    1 
ATOM   788 N N3    . DG  D 1 9  ? -0.203  10.933  -7.675  1.00 48.35 ? 9  DG  D N3    1 
ATOM   789 C C4    . DG  D 1 9  ? 0.070   12.272  -7.793  1.00 48.51 ? 9  DG  D C4    1 
ATOM   790 P P     . DC  D 1 10 ? 5.391   11.107  -11.079 1.00 74.28 ? 10 DC  D P     1 
ATOM   791 O OP1   . DC  D 1 10 ? 6.719   11.767  -11.203 1.00 64.78 ? 10 DC  D OP1   1 
ATOM   792 O OP2   . DC  D 1 10 ? 4.242   11.684  -11.851 1.00 68.60 ? 10 DC  D OP2   1 
ATOM   793 O "O5'" . DC  D 1 10 ? 5.484   9.565   -11.529 1.00 68.03 ? 10 DC  D "O5'" 1 
ATOM   794 C "C5'" . DC  D 1 10 ? 4.828   9.139   -12.737 1.00 65.45 ? 10 DC  D "C5'" 1 
ATOM   795 C "C4'" . DC  D 1 10 ? 3.471   8.514   -12.434 1.00 64.96 ? 10 DC  D "C4'" 1 
ATOM   796 O "O4'" . DC  D 1 10 ? 2.733   9.208   -11.363 1.00 62.30 ? 10 DC  D "O4'" 1 
ATOM   797 C "C3'" . DC  D 1 10 ? 2.589   8.506   -13.677 1.00 65.50 ? 10 DC  D "C3'" 1 
ATOM   798 O "O3'" . DC  D 1 10 ? 2.576   7.202   -14.298 1.00 64.32 ? 10 DC  D "O3'" 1 
ATOM   799 C "C2'" . DC  D 1 10 ? 1.208   8.868   -13.133 1.00 61.94 ? 10 DC  D "C2'" 1 
ATOM   800 C "C1'" . DC  D 1 10 ? 1.337   9.145   -11.625 1.00 60.36 ? 10 DC  D "C1'" 1 
ATOM   801 N N1    . DC  D 1 10 ? 0.529   10.415  -11.365 1.00 55.12 ? 10 DC  D N1    1 
ATOM   802 C C2    . DC  D 1 10 ? -0.836  10.337  -10.957 1.00 51.60 ? 10 DC  D C2    1 
ATOM   803 O O2    . DC  D 1 10 ? -1.371  9.230   -10.759 1.00 51.45 ? 10 DC  D O2    1 
ATOM   804 N N3    . DC  D 1 10 ? -1.551  11.483  -10.772 1.00 47.09 ? 10 DC  D N3    1 
ATOM   805 C C4    . DC  D 1 10 ? -0.968  12.671  -11.005 1.00 47.84 ? 10 DC  D C4    1 
ATOM   806 N N4    . DC  D 1 10 ? -1.691  13.792  -10.825 1.00 41.77 ? 10 DC  D N4    1 
ATOM   807 C C5    . DC  D 1 10 ? 0.397   12.768  -11.435 1.00 50.60 ? 10 DC  D C5    1 
ATOM   808 C C6    . DC  D 1 10 ? 1.098   11.635  -11.613 1.00 53.40 ? 10 DC  D C6    1 
HETATM 809 O O     . HOH E 2 .  ? -3.487  -6.945  -2.783  1.00 44.53 ? 11 HOH A O     1 
HETATM 810 O O     . HOH E 2 .  ? -3.936  -0.583  5.397   1.00 48.18 ? 12 HOH A O     1 
HETATM 811 O O     . HOH E 2 .  ? -1.117  -16.800 10.924  1.00 44.67 ? 13 HOH A O     1 
HETATM 812 O O     . HOH F 2 .  ? -2.551  -6.424  -4.969  1.00 41.11 ? 11 HOH B O     1 
HETATM 813 O O     . HOH F 2 .  ? -5.454  -7.590  -14.873 1.00 53.24 ? 12 HOH B O     1 
HETATM 814 O O     . HOH G 2 .  ? 4.657   2.230   -5.485  1.00 46.73 ? 11 HOH C O     1 
HETATM 815 O O     . HOH G 2 .  ? 4.084   -11.646 -13.159 1.00 43.38 ? 12 HOH C O     1 
HETATM 816 O O     . HOH G 2 .  ? -12.602 7.114   -5.497  1.00 46.72 ? 13 HOH C O     1 
HETATM 817 O O     . HOH H 2 .  ? 9.686   8.075   16.515  1.00 46.90 ? 11 HOH D O     1 
# 
loop_
_pdbx_poly_seq_scheme.asym_id 
_pdbx_poly_seq_scheme.entity_id 
_pdbx_poly_seq_scheme.seq_id 
_pdbx_poly_seq_scheme.mon_id 
_pdbx_poly_seq_scheme.ndb_seq_num 
_pdbx_poly_seq_scheme.pdb_seq_num 
_pdbx_poly_seq_scheme.auth_seq_num 
_pdbx_poly_seq_scheme.pdb_mon_id 
_pdbx_poly_seq_scheme.auth_mon_id 
_pdbx_poly_seq_scheme.pdb_strand_id 
_pdbx_poly_seq_scheme.pdb_ins_code 
_pdbx_poly_seq_scheme.hetero 
A 1 1  DC 1  1  1  DC C A . n 
A 1 2  DG 2  2  2  DG G A . n 
A 1 3  DG 3  3  3  DG G A . n 
A 1 4  DC 4  4  4  DC C A . n 
A 1 5  DG 5  5  5  DG G A . n 
A 1 6  DG 6  6  6  DG G A . n 
A 1 7  DC 7  7  7  DC C A . n 
A 1 8  DC 8  8  8  DC C A . n 
A 1 9  DG 9  9  9  DG G A . n 
A 1 10 DC 10 10 10 DC C A . n 
B 1 1  DC 1  1  1  DC C B . n 
B 1 2  DG 2  2  2  DG G B . n 
B 1 3  DG 3  3  3  DG G B . n 
B 1 4  DC 4  4  4  DC C B . n 
B 1 5  DG 5  5  5  DG G B . n 
B 1 6  DG 6  6  6  DG G B . n 
B 1 7  DC 7  7  7  DC C B . n 
B 1 8  DC 8  8  8  DC C B . n 
B 1 9  DG 9  9  9  DG G B . n 
B 1 10 DC 10 10 10 DC C B . n 
C 1 1  DC 1  1  1  DC C C . n 
C 1 2  DG 2  2  2  DG G C . n 
C 1 3  DG 3  3  3  DG G C . n 
C 1 4  DC 4  4  4  DC C C . n 
C 1 5  DG 5  5  5  DG G C . n 
C 1 6  DG 6  6  6  DG G C . n 
C 1 7  DC 7  7  7  DC C C . n 
C 1 8  DC 8  8  8  DC C C . n 
C 1 9  DG 9  9  9  DG G C . n 
C 1 10 DC 10 10 10 DC C C . n 
D 1 1  DC 1  1  1  DC C D . n 
D 1 2  DG 2  2  2  DG G D . n 
D 1 3  DG 3  3  3  DG G D . n 
D 1 4  DC 4  4  4  DC C D . n 
D 1 5  DG 5  5  5  DG G D . n 
D 1 6  DG 6  6  6  DG G D . n 
D 1 7  DC 7  7  7  DC C D . n 
D 1 8  DC 8  8  8  DC C D . n 
D 1 9  DG 9  9  9  DG G D . n 
D 1 10 DC 10 10 10 DC C D . n 
# 
loop_
_pdbx_nonpoly_scheme.asym_id 
_pdbx_nonpoly_scheme.entity_id 
_pdbx_nonpoly_scheme.mon_id 
_pdbx_nonpoly_scheme.ndb_seq_num 
_pdbx_nonpoly_scheme.pdb_seq_num 
_pdbx_nonpoly_scheme.auth_seq_num 
_pdbx_nonpoly_scheme.pdb_mon_id 
_pdbx_nonpoly_scheme.auth_mon_id 
_pdbx_nonpoly_scheme.pdb_strand_id 
_pdbx_nonpoly_scheme.pdb_ins_code 
E 2 HOH 1 11 2 HOH HOH A . 
E 2 HOH 2 12 4 HOH HOH A . 
E 2 HOH 3 13 5 HOH HOH A . 
F 2 HOH 1 11 1 HOH HOH B . 
F 2 HOH 2 12 7 HOH HOH B . 
G 2 HOH 1 11 3 HOH HOH C . 
G 2 HOH 2 12 6 HOH HOH C . 
G 2 HOH 3 13 8 HOH HOH C . 
H 2 HOH 1 11 9 HOH HOH D . 
# 
_pdbx_struct_assembly.id                   1 
_pdbx_struct_assembly.details              author_and_software_defined_assembly 
_pdbx_struct_assembly.method_details       PISA 
_pdbx_struct_assembly.oligomeric_details   tetrameric 
_pdbx_struct_assembly.oligomeric_count     4 
# 
_pdbx_struct_assembly_gen.assembly_id       1 
_pdbx_struct_assembly_gen.oper_expression   1 
_pdbx_struct_assembly_gen.asym_id_list      A,B,C,D,E,F,G,H 
# 
loop_
_pdbx_struct_assembly_prop.biol_id 
_pdbx_struct_assembly_prop.type 
_pdbx_struct_assembly_prop.value 
_pdbx_struct_assembly_prop.details 
1 'ABSA (A^2)' 2430 ? 
1 MORE         -10  ? 
1 'SSA (A^2)'  7190 ? 
# 
_pdbx_struct_oper_list.id                   1 
_pdbx_struct_oper_list.type                 'identity operation' 
_pdbx_struct_oper_list.name                 1_555 
_pdbx_struct_oper_list.symmetry_operation   x,y,z 
_pdbx_struct_oper_list.matrix[1][1]         1.0000000000 
_pdbx_struct_oper_list.matrix[1][2]         0.0000000000 
_pdbx_struct_oper_list.matrix[1][3]         0.0000000000 
_pdbx_struct_oper_list.vector[1]            0.0000000000 
_pdbx_struct_oper_list.matrix[2][1]         0.0000000000 
_pdbx_struct_oper_list.matrix[2][2]         1.0000000000 
_pdbx_struct_oper_list.matrix[2][3]         0.0000000000 
_pdbx_struct_oper_list.vector[2]            0.0000000000 
_pdbx_struct_oper_list.matrix[3][1]         0.0000000000 
_pdbx_struct_oper_list.matrix[3][2]         0.0000000000 
_pdbx_struct_oper_list.matrix[3][3]         1.0000000000 
_pdbx_struct_oper_list.vector[3]            0.0000000000 
# 
loop_
_pdbx_audit_revision_history.ordinal 
_pdbx_audit_revision_history.data_content_type 
_pdbx_audit_revision_history.major_revision 
_pdbx_audit_revision_history.minor_revision 
_pdbx_audit_revision_history.revision_date 
1 'Structure model' 1 0 2011-05-18 
2 'Structure model' 1 1 2011-07-13 
3 'Structure model' 1 2 2023-11-01 
# 
_pdbx_audit_revision_details.ordinal             1 
_pdbx_audit_revision_details.revision_ordinal    1 
_pdbx_audit_revision_details.data_content_type   'Structure model' 
_pdbx_audit_revision_details.provider            repository 
_pdbx_audit_revision_details.type                'Initial release' 
_pdbx_audit_revision_details.description         ? 
_pdbx_audit_revision_details.details             ? 
# 
loop_
_pdbx_audit_revision_group.ordinal 
_pdbx_audit_revision_group.revision_ordinal 
_pdbx_audit_revision_group.data_content_type 
_pdbx_audit_revision_group.group 
1 2 'Structure model' 'Version format compliance' 
2 3 'Structure model' 'Data collection'           
3 3 'Structure model' 'Database references'       
4 3 'Structure model' 'Refinement description'    
# 
loop_
_pdbx_audit_revision_category.ordinal 
_pdbx_audit_revision_category.revision_ordinal 
_pdbx_audit_revision_category.data_content_type 
_pdbx_audit_revision_category.category 
1 3 'Structure model' chem_comp_atom                
2 3 'Structure model' chem_comp_bond                
3 3 'Structure model' database_2                    
4 3 'Structure model' pdbx_initial_refinement_model 
# 
loop_
_pdbx_audit_revision_item.ordinal 
_pdbx_audit_revision_item.revision_ordinal 
_pdbx_audit_revision_item.data_content_type 
_pdbx_audit_revision_item.item 
1 3 'Structure model' '_database_2.pdbx_DOI'                
2 3 'Structure model' '_database_2.pdbx_database_accession' 
# 
loop_
_software.name 
_software.classification 
_software.version 
_software.citation_id 
_software.pdbx_ordinal 
MAR345dtb 'data collection' .                          ? 1 
PHASER    phasing           .                          ? 2 
PHENIX    refinement        '(phenix.refine: 1.6_289)' ? 3 
iMOSFLM   'data reduction'  .                          ? 4 
SCALA     'data scaling'    .                          ? 5 
# 
loop_
_pdbx_validate_rmsd_bond.id 
_pdbx_validate_rmsd_bond.PDB_model_num 
_pdbx_validate_rmsd_bond.auth_atom_id_1 
_pdbx_validate_rmsd_bond.auth_asym_id_1 
_pdbx_validate_rmsd_bond.auth_comp_id_1 
_pdbx_validate_rmsd_bond.auth_seq_id_1 
_pdbx_validate_rmsd_bond.PDB_ins_code_1 
_pdbx_validate_rmsd_bond.label_alt_id_1 
_pdbx_validate_rmsd_bond.auth_atom_id_2 
_pdbx_validate_rmsd_bond.auth_asym_id_2 
_pdbx_validate_rmsd_bond.auth_comp_id_2 
_pdbx_validate_rmsd_bond.auth_seq_id_2 
_pdbx_validate_rmsd_bond.PDB_ins_code_2 
_pdbx_validate_rmsd_bond.label_alt_id_2 
_pdbx_validate_rmsd_bond.bond_value 
_pdbx_validate_rmsd_bond.bond_target_value 
_pdbx_validate_rmsd_bond.bond_deviation 
_pdbx_validate_rmsd_bond.bond_standard_deviation 
_pdbx_validate_rmsd_bond.linker_flag 
1 1 "O3'" C DC 1 ? ? "C3'" C DC 1 ? ? 1.383 1.419 -0.036 0.006 N 
2 1 "C5'" D DC 1 ? ? "C4'" D DC 1 ? ? 1.555 1.512 0.043  0.007 N 
# 
loop_
_pdbx_validate_rmsd_angle.id 
_pdbx_validate_rmsd_angle.PDB_model_num 
_pdbx_validate_rmsd_angle.auth_atom_id_1 
_pdbx_validate_rmsd_angle.auth_asym_id_1 
_pdbx_validate_rmsd_angle.auth_comp_id_1 
_pdbx_validate_rmsd_angle.auth_seq_id_1 
_pdbx_validate_rmsd_angle.PDB_ins_code_1 
_pdbx_validate_rmsd_angle.label_alt_id_1 
_pdbx_validate_rmsd_angle.auth_atom_id_2 
_pdbx_validate_rmsd_angle.auth_asym_id_2 
_pdbx_validate_rmsd_angle.auth_comp_id_2 
_pdbx_validate_rmsd_angle.auth_seq_id_2 
_pdbx_validate_rmsd_angle.PDB_ins_code_2 
_pdbx_validate_rmsd_angle.label_alt_id_2 
_pdbx_validate_rmsd_angle.auth_atom_id_3 
_pdbx_validate_rmsd_angle.auth_asym_id_3 
_pdbx_validate_rmsd_angle.auth_comp_id_3 
_pdbx_validate_rmsd_angle.auth_seq_id_3 
_pdbx_validate_rmsd_angle.PDB_ins_code_3 
_pdbx_validate_rmsd_angle.label_alt_id_3 
_pdbx_validate_rmsd_angle.angle_value 
_pdbx_validate_rmsd_angle.angle_target_value 
_pdbx_validate_rmsd_angle.angle_deviation 
_pdbx_validate_rmsd_angle.angle_standard_deviation 
_pdbx_validate_rmsd_angle.linker_flag 
1  1 "O4'" A DC 1  ? ? "C1'" A DC 1  ? ? N1    A DC 1  ? ? 112.91 108.30 4.61   0.30 N 
2  1 "C3'" A DG 5  ? ? "O3'" A DG 5  ? ? P     A DG 6  ? ? 133.02 119.70 13.32  1.20 Y 
3  1 "O3'" A DG 5  ? ? P     A DG 6  ? ? "O5'" A DG 6  ? ? 91.21  104.00 -12.79 1.90 Y 
4  1 "C5'" A DG 6  ? ? "C4'" A DG 6  ? ? "O4'" A DG 6  ? ? 116.62 109.80 6.82   1.10 N 
5  1 C5    A DG 6  ? ? C6    A DG 6  ? ? O6    A DG 6  ? ? 124.69 128.60 -3.91  0.60 N 
6  1 "C5'" A DC 7  ? ? "C4'" A DC 7  ? ? "O4'" A DC 7  ? ? 116.84 109.80 7.04   1.10 N 
7  1 "O4'" A DC 8  ? ? "C1'" A DC 8  ? ? N1    A DC 8  ? ? 103.15 108.00 -4.85  0.70 N 
8  1 "O4'" A DC 10 ? ? "C1'" A DC 10 ? ? N1    A DC 10 ? ? 100.29 108.00 -7.71  0.70 N 
9  1 "O4'" B DC 1  ? ? "C1'" B DC 1  ? ? N1    B DC 1  ? ? 118.33 108.30 10.03  0.30 N 
10 1 "C3'" B DC 1  ? ? "O3'" B DC 1  ? ? P     B DG 2  ? ? 133.78 119.70 14.08  1.20 Y 
11 1 P     B DC 4  ? ? "O5'" B DC 4  ? ? "C5'" B DC 4  ? ? 110.99 120.90 -9.91  1.60 N 
12 1 "O4'" B DC 4  ? ? "C1'" B DC 4  ? ? N1    B DC 4  ? ? 111.65 108.30 3.35   0.30 N 
13 1 "O4'" B DG 5  ? ? "C1'" B DG 5  ? ? N9    B DG 5  ? ? 110.19 108.30 1.89   0.30 N 
14 1 "O3'" B DG 5  ? ? P     B DG 6  ? ? OP1   B DG 6  ? ? 118.73 110.50 8.23   1.10 Y 
15 1 "O4'" B DG 6  ? ? "C1'" B DG 6  ? ? N9    B DG 6  ? ? 111.34 108.30 3.04   0.30 N 
16 1 "O4'" B DC 7  ? ? "C1'" B DC 7  ? ? "C2'" B DC 7  ? ? 99.32  105.90 -6.58  0.80 N 
17 1 N1    B DC 7  ? ? "C1'" B DC 7  ? ? "C2'" B DC 7  ? ? 122.81 114.30 8.51   1.40 N 
18 1 "O4'" B DC 7  ? ? "C1'" B DC 7  ? ? N1    B DC 7  ? ? 102.36 108.00 -5.64  0.70 N 
19 1 "O4'" B DC 8  ? ? "C4'" B DC 8  ? ? "C3'" B DC 8  ? ? 101.78 104.50 -2.72  0.40 N 
20 1 "C4'" B DC 8  ? ? "C3'" B DC 8  ? ? "C2'" B DC 8  ? ? 97.20  102.20 -5.00  0.70 N 
21 1 "O4'" B DG 9  ? ? "C4'" B DG 9  ? ? "C3'" B DG 9  ? ? 100.83 104.50 -3.67  0.40 N 
22 1 "C4'" B DG 9  ? ? "C3'" B DG 9  ? ? "C2'" B DG 9  ? ? 97.93  102.20 -4.27  0.70 N 
23 1 "C3'" B DG 9  ? ? "C2'" B DG 9  ? ? "C1'" B DG 9  ? ? 94.46  102.40 -7.94  0.80 N 
24 1 "O4'" B DG 9  ? ? "C1'" B DG 9  ? ? N9    B DG 9  ? ? 110.79 108.30 2.49   0.30 N 
25 1 "O4'" B DC 10 ? ? "C1'" B DC 10 ? ? N1    B DC 10 ? ? 112.29 108.30 3.99   0.30 N 
26 1 "O4'" C DG 2  ? ? "C1'" C DG 2  ? ? N9    C DG 2  ? ? 112.17 108.30 3.87   0.30 N 
27 1 "O4'" C DG 3  ? ? "C4'" C DG 3  ? ? "C3'" C DG 3  ? ? 101.81 104.50 -2.69  0.40 N 
28 1 "O4'" C DC 4  ? ? "C1'" C DC 4  ? ? N1    C DC 4  ? ? 114.22 108.30 5.92   0.30 N 
29 1 "O4'" C DG 5  ? ? "C1'" C DG 5  ? ? N9    C DG 5  ? ? 103.37 108.00 -4.63  0.70 N 
30 1 C4    C DG 5  ? ? C5    C DG 5  ? ? N7    C DG 5  ? ? 108.17 110.80 -2.63  0.40 N 
31 1 "O5'" C DG 6  ? ? "C5'" C DG 6  ? ? "C4'" C DG 6  ? ? 99.74  109.40 -9.66  0.80 N 
32 1 "O4'" C DG 6  ? ? "C1'" C DG 6  ? ? N9    C DG 6  ? ? 112.79 108.30 4.49   0.30 N 
33 1 "O4'" C DC 7  ? ? "C4'" C DC 7  ? ? "C3'" C DC 7  ? ? 100.46 104.50 -4.04  0.40 N 
34 1 "C3'" C DC 7  ? ? "C2'" C DC 7  ? ? "C1'" C DC 7  ? ? 96.06  102.40 -6.34  0.80 N 
35 1 "O4'" C DC 7  ? ? "C1'" C DC 7  ? ? N1    C DC 7  ? ? 113.04 108.30 4.74   0.30 N 
36 1 "C3'" C DC 7  ? ? "O3'" C DC 7  ? ? P     C DC 8  ? ? 130.34 119.70 10.64  1.20 Y 
37 1 "O5'" C DG 9  ? ? "C5'" C DG 9  ? ? "C4'" C DG 9  ? ? 101.13 109.40 -8.27  0.80 N 
38 1 "O4'" C DG 9  ? ? "C1'" C DG 9  ? ? N9    C DG 9  ? ? 113.40 108.30 5.10   0.30 N 
39 1 "C1'" D DC 1  ? ? "O4'" D DC 1  ? ? "C4'" D DC 1  ? ? 103.82 110.10 -6.28  1.00 N 
40 1 "C3'" D DC 1  ? ? "C2'" D DC 1  ? ? "C1'" D DC 1  ? ? 91.83  102.40 -10.57 0.80 N 
41 1 "O4'" D DC 1  ? ? "C1'" D DC 1  ? ? N1    D DC 1  ? ? 113.14 108.30 4.84   0.30 N 
42 1 "C3'" D DC 1  ? ? "O3'" D DC 1  ? ? P     D DG 2  ? ? 131.24 119.70 11.54  1.20 Y 
43 1 "O3'" D DC 1  ? ? P     D DG 2  ? ? OP2   D DG 2  ? ? 117.56 110.50 7.06   1.10 Y 
44 1 "O4'" D DG 2  ? ? "C1'" D DG 2  ? ? N9    D DG 2  ? ? 114.62 108.30 6.32   0.30 N 
45 1 "C3'" D DG 2  ? ? "O3'" D DG 2  ? ? P     D DG 3  ? ? 127.06 119.70 7.36   1.20 Y 
46 1 "O4'" D DG 3  ? ? "C4'" D DG 3  ? ? "C3'" D DG 3  ? ? 100.19 104.50 -4.31  0.40 N 
47 1 "C4'" D DG 3  ? ? "C3'" D DG 3  ? ? "C2'" D DG 3  ? ? 96.40  102.20 -5.80  0.70 N 
48 1 "C4'" D DC 7  ? ? "C3'" D DC 7  ? ? "C2'" D DC 7  ? ? 97.37  102.20 -4.83  0.70 N 
49 1 "O4'" D DG 9  ? ? "C4'" D DG 9  ? ? "C3'" D DG 9  ? ? 101.59 104.50 -2.91  0.40 N 
50 1 "O4'" D DC 10 ? ? "C1'" D DC 10 ? ? N1    D DC 10 ? ? 116.82 108.30 8.52   0.30 N 
# 
loop_
_chem_comp_atom.comp_id 
_chem_comp_atom.atom_id 
_chem_comp_atom.type_symbol 
_chem_comp_atom.pdbx_aromatic_flag 
_chem_comp_atom.pdbx_stereo_config 
_chem_comp_atom.pdbx_ordinal 
DC  OP3    O N N 1  
DC  P      P N N 2  
DC  OP1    O N N 3  
DC  OP2    O N N 4  
DC  "O5'"  O N N 5  
DC  "C5'"  C N N 6  
DC  "C4'"  C N R 7  
DC  "O4'"  O N N 8  
DC  "C3'"  C N S 9  
DC  "O3'"  O N N 10 
DC  "C2'"  C N N 11 
DC  "C1'"  C N R 12 
DC  N1     N N N 13 
DC  C2     C N N 14 
DC  O2     O N N 15 
DC  N3     N N N 16 
DC  C4     C N N 17 
DC  N4     N N N 18 
DC  C5     C N N 19 
DC  C6     C N N 20 
DC  HOP3   H N N 21 
DC  HOP2   H N N 22 
DC  "H5'"  H N N 23 
DC  "H5''" H N N 24 
DC  "H4'"  H N N 25 
DC  "H3'"  H N N 26 
DC  "HO3'" H N N 27 
DC  "H2'"  H N N 28 
DC  "H2''" H N N 29 
DC  "H1'"  H N N 30 
DC  H41    H N N 31 
DC  H42    H N N 32 
DC  H5     H N N 33 
DC  H6     H N N 34 
DG  OP3    O N N 35 
DG  P      P N N 36 
DG  OP1    O N N 37 
DG  OP2    O N N 38 
DG  "O5'"  O N N 39 
DG  "C5'"  C N N 40 
DG  "C4'"  C N R 41 
DG  "O4'"  O N N 42 
DG  "C3'"  C N S 43 
DG  "O3'"  O N N 44 
DG  "C2'"  C N N 45 
DG  "C1'"  C N R 46 
DG  N9     N Y N 47 
DG  C8     C Y N 48 
DG  N7     N Y N 49 
DG  C5     C Y N 50 
DG  C6     C N N 51 
DG  O6     O N N 52 
DG  N1     N N N 53 
DG  C2     C N N 54 
DG  N2     N N N 55 
DG  N3     N N N 56 
DG  C4     C Y N 57 
DG  HOP3   H N N 58 
DG  HOP2   H N N 59 
DG  "H5'"  H N N 60 
DG  "H5''" H N N 61 
DG  "H4'"  H N N 62 
DG  "H3'"  H N N 63 
DG  "HO3'" H N N 64 
DG  "H2'"  H N N 65 
DG  "H2''" H N N 66 
DG  "H1'"  H N N 67 
DG  H8     H N N 68 
DG  H1     H N N 69 
DG  H21    H N N 70 
DG  H22    H N N 71 
HOH O      O N N 72 
HOH H1     H N N 73 
HOH H2     H N N 74 
# 
loop_
_chem_comp_bond.comp_id 
_chem_comp_bond.atom_id_1 
_chem_comp_bond.atom_id_2 
_chem_comp_bond.value_order 
_chem_comp_bond.pdbx_aromatic_flag 
_chem_comp_bond.pdbx_stereo_config 
_chem_comp_bond.pdbx_ordinal 
DC  OP3   P      sing N N 1  
DC  OP3   HOP3   sing N N 2  
DC  P     OP1    doub N N 3  
DC  P     OP2    sing N N 4  
DC  P     "O5'"  sing N N 5  
DC  OP2   HOP2   sing N N 6  
DC  "O5'" "C5'"  sing N N 7  
DC  "C5'" "C4'"  sing N N 8  
DC  "C5'" "H5'"  sing N N 9  
DC  "C5'" "H5''" sing N N 10 
DC  "C4'" "O4'"  sing N N 11 
DC  "C4'" "C3'"  sing N N 12 
DC  "C4'" "H4'"  sing N N 13 
DC  "O4'" "C1'"  sing N N 14 
DC  "C3'" "O3'"  sing N N 15 
DC  "C3'" "C2'"  sing N N 16 
DC  "C3'" "H3'"  sing N N 17 
DC  "O3'" "HO3'" sing N N 18 
DC  "C2'" "C1'"  sing N N 19 
DC  "C2'" "H2'"  sing N N 20 
DC  "C2'" "H2''" sing N N 21 
DC  "C1'" N1     sing N N 22 
DC  "C1'" "H1'"  sing N N 23 
DC  N1    C2     sing N N 24 
DC  N1    C6     sing N N 25 
DC  C2    O2     doub N N 26 
DC  C2    N3     sing N N 27 
DC  N3    C4     doub N N 28 
DC  C4    N4     sing N N 29 
DC  C4    C5     sing N N 30 
DC  N4    H41    sing N N 31 
DC  N4    H42    sing N N 32 
DC  C5    C6     doub N N 33 
DC  C5    H5     sing N N 34 
DC  C6    H6     sing N N 35 
DG  OP3   P      sing N N 36 
DG  OP3   HOP3   sing N N 37 
DG  P     OP1    doub N N 38 
DG  P     OP2    sing N N 39 
DG  P     "O5'"  sing N N 40 
DG  OP2   HOP2   sing N N 41 
DG  "O5'" "C5'"  sing N N 42 
DG  "C5'" "C4'"  sing N N 43 
DG  "C5'" "H5'"  sing N N 44 
DG  "C5'" "H5''" sing N N 45 
DG  "C4'" "O4'"  sing N N 46 
DG  "C4'" "C3'"  sing N N 47 
DG  "C4'" "H4'"  sing N N 48 
DG  "O4'" "C1'"  sing N N 49 
DG  "C3'" "O3'"  sing N N 50 
DG  "C3'" "C2'"  sing N N 51 
DG  "C3'" "H3'"  sing N N 52 
DG  "O3'" "HO3'" sing N N 53 
DG  "C2'" "C1'"  sing N N 54 
DG  "C2'" "H2'"  sing N N 55 
DG  "C2'" "H2''" sing N N 56 
DG  "C1'" N9     sing N N 57 
DG  "C1'" "H1'"  sing N N 58 
DG  N9    C8     sing Y N 59 
DG  N9    C4     sing Y N 60 
DG  C8    N7     doub Y N 61 
DG  C8    H8     sing N N 62 
DG  N7    C5     sing Y N 63 
DG  C5    C6     sing N N 64 
DG  C5    C4     doub Y N 65 
DG  C6    O6     doub N N 66 
DG  C6    N1     sing N N 67 
DG  N1    C2     sing N N 68 
DG  N1    H1     sing N N 69 
DG  C2    N2     sing N N 70 
DG  C2    N3     doub N N 71 
DG  N2    H21    sing N N 72 
DG  N2    H22    sing N N 73 
DG  N3    C4     sing N N 74 
HOH O     H1     sing N N 75 
HOH O     H2     sing N N 76 
# 
loop_
_ndb_struct_conf_na.entry_id 
_ndb_struct_conf_na.feature 
3Q5C 'double helix'        
3Q5C 'b-form double helix' 
# 
loop_
_ndb_struct_na_base_pair.model_number 
_ndb_struct_na_base_pair.i_label_asym_id 
_ndb_struct_na_base_pair.i_label_comp_id 
_ndb_struct_na_base_pair.i_label_seq_id 
_ndb_struct_na_base_pair.i_symmetry 
_ndb_struct_na_base_pair.j_label_asym_id 
_ndb_struct_na_base_pair.j_label_comp_id 
_ndb_struct_na_base_pair.j_label_seq_id 
_ndb_struct_na_base_pair.j_symmetry 
_ndb_struct_na_base_pair.shear 
_ndb_struct_na_base_pair.stretch 
_ndb_struct_na_base_pair.stagger 
_ndb_struct_na_base_pair.buckle 
_ndb_struct_na_base_pair.propeller 
_ndb_struct_na_base_pair.opening 
_ndb_struct_na_base_pair.pair_number 
_ndb_struct_na_base_pair.pair_name 
_ndb_struct_na_base_pair.i_auth_asym_id 
_ndb_struct_na_base_pair.i_auth_seq_id 
_ndb_struct_na_base_pair.i_PDB_ins_code 
_ndb_struct_na_base_pair.j_auth_asym_id 
_ndb_struct_na_base_pair.j_auth_seq_id 
_ndb_struct_na_base_pair.j_PDB_ins_code 
_ndb_struct_na_base_pair.hbond_type_28 
_ndb_struct_na_base_pair.hbond_type_12 
1 A DG 3  1_555 B DC 10 1_555 -1.321 -0.283 -0.385 3.911  -8.405  11.791  1  A_DG3:DC10_B A 3  ? B 10 ? 19 1 
1 A DC 4  1_555 B DG 9  1_555 0.323  -0.383 -0.881 7.719  -5.377  -3.585  2  A_DC4:DG9_B  A 4  ? B 9  ? 19 1 
1 A DG 5  1_555 B DC 8  1_555 -0.253 -0.548 0.068  3.439  -7.161  -3.071  3  A_DG5:DC8_B  A 5  ? B 8  ? 19 1 
1 A DG 6  1_555 B DC 7  1_555 1.009  -0.329 0.567  6.267  -12.032 -1.807  4  A_DG6:DC7_B  A 6  ? B 7  ? 19 1 
1 C DC 7  1_555 B DG 6  1_555 -0.270 -0.062 0.833  -8.052 -16.319 2.145   5  C_DC7:DG6_B  C 7  ? B 6  ? 19 1 
1 C DC 8  1_555 B DG 5  1_555 -0.273 -0.030 0.619  1.843  -8.952  2.023   6  C_DC8:DG5_B  C 8  ? B 5  ? 19 1 
1 C DG 9  1_555 B DC 4  1_555 0.383  0.291  0.120  2.896  -14.022 5.176   7  C_DG9:DC4_B  C 9  ? B 4  ? ?  1 
1 C DC 10 1_555 B DG 3  1_555 -0.928 -0.486 0.479  -3.581 -5.290  -3.314  8  C_DC10:DG3_B C 10 ? B 3  ? 19 1 
1 C DG 3  1_555 D DC 10 1_555 -0.604 0.145  0.379  5.574  -11.851 -2.031  9  C_DG3:DC10_D C 3  ? D 10 ? 19 1 
1 C DC 4  1_555 D DG 9  1_555 -0.648 0.216  0.271  0.126  -10.747 4.998   10 C_DC4:DG9_D  C 4  ? D 9  ? 19 1 
1 C DG 5  1_555 D DC 8  1_555 0.993  0.230  -0.333 -1.660 -7.103  -6.325  11 C_DG5:DC8_D  C 5  ? D 8  ? 19 1 
1 C DG 6  1_555 D DC 7  1_555 0.722  0.126  -0.131 0.502  -11.417 -12.544 12 C_DG6:DC7_D  C 6  ? D 7  ? ?  1 
1 A DC 7  1_555 D DG 6  1_555 0.664  -0.363 0.026  2.400  -17.079 -0.037  13 A_DC7:DG6_D  A 7  ? D 6  ? 19 1 
1 A DC 8  1_555 D DG 5  1_555 0.190  0.083  -0.019 1.113  -11.424 8.385   14 A_DC8:DG5_D  A 8  ? D 5  ? 19 1 
1 A DG 9  1_555 D DC 4  1_555 -0.921 0.212  0.215  -4.466 -11.209 3.299   15 A_DG9:DC4_D  A 9  ? D 4  ? 19 1 
1 A DC 10 1_555 D DG 3  1_555 -0.070 -0.307 0.956  -9.212 -4.321  -6.305  16 A_DC10:DG3_D A 10 ? D 3  ? 19 1 
# 
loop_
_ndb_struct_na_base_pair_step.model_number 
_ndb_struct_na_base_pair_step.i_label_asym_id_1 
_ndb_struct_na_base_pair_step.i_label_comp_id_1 
_ndb_struct_na_base_pair_step.i_label_seq_id_1 
_ndb_struct_na_base_pair_step.i_symmetry_1 
_ndb_struct_na_base_pair_step.j_label_asym_id_1 
_ndb_struct_na_base_pair_step.j_label_comp_id_1 
_ndb_struct_na_base_pair_step.j_label_seq_id_1 
_ndb_struct_na_base_pair_step.j_symmetry_1 
_ndb_struct_na_base_pair_step.i_label_asym_id_2 
_ndb_struct_na_base_pair_step.i_label_comp_id_2 
_ndb_struct_na_base_pair_step.i_label_seq_id_2 
_ndb_struct_na_base_pair_step.i_symmetry_2 
_ndb_struct_na_base_pair_step.j_label_asym_id_2 
_ndb_struct_na_base_pair_step.j_label_comp_id_2 
_ndb_struct_na_base_pair_step.j_label_seq_id_2 
_ndb_struct_na_base_pair_step.j_symmetry_2 
_ndb_struct_na_base_pair_step.shift 
_ndb_struct_na_base_pair_step.slide 
_ndb_struct_na_base_pair_step.rise 
_ndb_struct_na_base_pair_step.tilt 
_ndb_struct_na_base_pair_step.roll 
_ndb_struct_na_base_pair_step.twist 
_ndb_struct_na_base_pair_step.x_displacement 
_ndb_struct_na_base_pair_step.y_displacement 
_ndb_struct_na_base_pair_step.helical_rise 
_ndb_struct_na_base_pair_step.inclination 
_ndb_struct_na_base_pair_step.tip 
_ndb_struct_na_base_pair_step.helical_twist 
_ndb_struct_na_base_pair_step.step_number 
_ndb_struct_na_base_pair_step.step_name 
_ndb_struct_na_base_pair_step.i_auth_asym_id_1 
_ndb_struct_na_base_pair_step.i_auth_seq_id_1 
_ndb_struct_na_base_pair_step.i_PDB_ins_code_1 
_ndb_struct_na_base_pair_step.j_auth_asym_id_1 
_ndb_struct_na_base_pair_step.j_auth_seq_id_1 
_ndb_struct_na_base_pair_step.j_PDB_ins_code_1 
_ndb_struct_na_base_pair_step.i_auth_asym_id_2 
_ndb_struct_na_base_pair_step.i_auth_seq_id_2 
_ndb_struct_na_base_pair_step.i_PDB_ins_code_2 
_ndb_struct_na_base_pair_step.j_auth_asym_id_2 
_ndb_struct_na_base_pair_step.j_auth_seq_id_2 
_ndb_struct_na_base_pair_step.j_PDB_ins_code_2 
1 A DG 3 1_555 B DC 10 1_555 A DC 4  1_555 B DG 9 1_555 -0.205 0.940  3.049 4.473  -0.132 47.092 1.182  0.594  3.016 -0.165 -5.583 
47.292 1  AA_DG3DC4:DG9DC10_BB A 3 ? B 10 ? A 4  ? B 9 ? 
1 A DC 4 1_555 B DG 9  1_555 A DG 5  1_555 B DC 8 1_555 -0.267 1.525  3.515 -2.587 9.253  33.051 0.931  -0.009 3.801 15.852 4.433  
34.382 2  AA_DC4DG5:DC8DG9_BB  A 4 ? B 9  ? A 5  ? B 8 ? 
1 A DG 5 1_555 B DC 8  1_555 A DG 6  1_555 B DC 7 1_555 -0.091 1.164  3.316 -3.394 -1.164 44.331 1.647  -0.196 3.284 -1.540 4.489  
44.469 3  AA_DG5DG6:DC7DC8_BB  A 5 ? B 8  ? A 6  ? B 7 ? 
1 A DG 6 1_555 B DC 7  1_555 C DC 7  1_555 B DG 6 1_555 1.132  -0.191 3.659 4.438  -2.386 29.754 0.189  -1.140 3.787 -4.604 -8.566 
30.168 4  AC_DG6DC7:DG6DC7_BB  A 6 ? B 7  ? C 7  ? B 6 ? 
1 C DC 7 1_555 B DG 6  1_555 C DC 8  1_555 B DG 5 1_555 -0.578 -0.242 3.174 1.673  9.962  30.180 -2.185 1.349  2.913 18.493 -3.106 
31.788 5  CC_DC7DC8:DG5DG6_BB  C 7 ? B 6  ? C 8  ? B 5 ? 
1 C DC 8 1_555 B DG 5  1_555 C DG 9  1_555 B DC 4 1_555 0.572  0.372  3.291 4.242  6.270  34.190 -0.352 -0.294 3.350 10.505 -7.108 
34.994 6  CC_DC8DG9:DC4DG5_BB  C 8 ? B 5  ? C 9  ? B 4 ? 
1 C DG 9 1_555 B DC 4  1_555 C DC 10 1_555 B DG 3 1_555 -0.600 0.572  3.505 -6.784 -0.436 38.653 0.909  0.013  3.549 -0.652 10.153 
39.224 7  CC_DG9DC10:DG3DC4_BB C 9 ? B 4  ? C 10 ? B 3 ? 
1 C DG 3 1_555 D DC 10 1_555 C DC 4  1_555 D DG 9 1_555 0.319  0.457  3.366 1.979  -0.570 32.564 0.916  -0.214 3.371 -1.015 -3.525 
32.627 8  CC_DG3DC4:DG9DC10_DD C 3 ? D 10 ? C 4  ? D 9 ? 
1 C DC 4 1_555 D DG 9  1_555 C DG 5  1_555 D DC 8 1_555 -0.623 2.860  3.363 2.625  -0.190 57.238 2.993  0.796  3.325 -0.198 -2.739 
57.293 9  CC_DC4DG5:DC8DG9_DD  C 4 ? D 9  ? C 5  ? D 8 ? 
1 C DG 5 1_555 D DC 8  1_555 C DG 6  1_555 D DC 7 1_555 0.154  0.316  3.342 -3.934 10.869 21.557 -2.790 -1.645 3.069 26.727 9.675  
24.428 10 CC_DG5DG6:DC7DC8_DD  C 5 ? D 8  ? C 6  ? D 7 ? 
1 C DG 6 1_555 D DC 7  1_555 A DC 7  1_555 D DG 6 1_555 1.175  -0.445 3.231 2.350  1.095  29.644 -1.096 -1.798 3.294 2.136  -4.581 
29.754 11 CA_DG6DC7:DG6DC7_DD  C 6 ? D 7  ? A 7  ? D 6 ? 
1 A DC 7 1_555 D DG 6  1_555 A DC 8  1_555 D DG 5 1_555 0.278  2.420  3.397 4.192  3.895  40.461 3.007  0.098  3.614 5.598  -6.024 
40.847 12 AA_DC7DC8:DG5DG6_DD  A 7 ? D 6  ? A 8  ? D 5 ? 
1 A DC 8 1_555 D DG 5  1_555 A DG 9  1_555 D DC 4 1_555 -0.641 1.539  3.354 -5.000 3.846  35.302 1.913  0.278  3.552 6.279  8.164  
35.843 13 AA_DC8DG9:DC4DG5_DD  A 8 ? D 5  ? A 9  ? D 4 ? 
1 A DG 9 1_555 D DC 4  1_555 A DC 10 1_555 D DG 3 1_555 -0.693 0.431  3.738 -6.271 -2.336 42.121 0.864  0.225  3.771 -3.225 8.659  
42.625 14 AA_DG9DC10:DG3DC4_DD A 9 ? D 4  ? A 10 ? D 3 ? 
# 
_pdbx_entity_nonpoly.entity_id   2 
_pdbx_entity_nonpoly.name        water 
_pdbx_entity_nonpoly.comp_id     HOH 
# 
_pdbx_initial_refinement_model.id               1 
_pdbx_initial_refinement_model.entity_id_list   ? 
_pdbx_initial_refinement_model.type             'experimental model' 
_pdbx_initial_refinement_model.source_name      PDB 
_pdbx_initial_refinement_model.accession_code   1P4Y 
_pdbx_initial_refinement_model.details          'PDB ENTRY 1P4Y' 
# 
